data_1DNX
# 
_entry.id   1DNX 
# 
_audit_conform.dict_name       mmcif_pdbx.dic 
_audit_conform.dict_version    5.385 
_audit_conform.dict_location   http://mmcif.pdb.org/dictionaries/ascii/mmcif_pdbx.dic 
# 
loop_
_database_2.database_id 
_database_2.database_code 
_database_2.pdbx_database_accession 
_database_2.pdbx_DOI 
PDB   1DNX         pdb_00001dnx 10.2210/pdb1dnx/pdb 
NDB   AH0009       ?            ?                   
RCSB  RCSB010233   ?            ?                   
WWPDB D_1000010233 ?            ?                   
# 
loop_
_pdbx_audit_revision_history.ordinal 
_pdbx_audit_revision_history.data_content_type 
_pdbx_audit_revision_history.major_revision 
_pdbx_audit_revision_history.minor_revision 
_pdbx_audit_revision_history.revision_date 
1 'Structure model' 1 0 2000-04-10 
2 'Structure model' 1 1 2008-04-27 
3 'Structure model' 1 2 2011-07-13 
4 'Structure model' 1 3 2017-10-04 
5 'Structure model' 1 4 2024-02-07 
# 
_pdbx_audit_revision_details.ordinal             1 
_pdbx_audit_revision_details.revision_ordinal    1 
_pdbx_audit_revision_details.data_content_type   'Structure model' 
_pdbx_audit_revision_details.provider            repository 
_pdbx_audit_revision_details.type                'Initial release' 
_pdbx_audit_revision_details.description         ? 
_pdbx_audit_revision_details.details             ? 
# 
loop_
_pdbx_audit_revision_group.ordinal 
_pdbx_audit_revision_group.revision_ordinal 
_pdbx_audit_revision_group.data_content_type 
_pdbx_audit_revision_group.group 
1 2 'Structure model' 'Version format compliance' 
2 3 'Structure model' 'Version format compliance' 
3 4 'Structure model' 'Refinement description'    
4 5 'Structure model' 'Data collection'           
5 5 'Structure model' 'Database references'       
6 5 'Structure model' 'Derived calculations'      
# 
loop_
_pdbx_audit_revision_category.ordinal 
_pdbx_audit_revision_category.revision_ordinal 
_pdbx_audit_revision_category.data_content_type 
_pdbx_audit_revision_category.category 
1 4 'Structure model' software               
2 5 'Structure model' chem_comp_atom         
3 5 'Structure model' chem_comp_bond         
4 5 'Structure model' database_2             
5 5 'Structure model' pdbx_struct_conn_angle 
6 5 'Structure model' struct_conn            
7 5 'Structure model' struct_site            
# 
loop_
_pdbx_audit_revision_item.ordinal 
_pdbx_audit_revision_item.revision_ordinal 
_pdbx_audit_revision_item.data_content_type 
_pdbx_audit_revision_item.item 
1  5 'Structure model' '_database_2.pdbx_DOI'                        
2  5 'Structure model' '_database_2.pdbx_database_accession'         
3  5 'Structure model' '_pdbx_struct_conn_angle.ptnr1_auth_asym_id'  
4  5 'Structure model' '_pdbx_struct_conn_angle.ptnr1_auth_seq_id'   
5  5 'Structure model' '_pdbx_struct_conn_angle.ptnr1_label_asym_id' 
6  5 'Structure model' '_pdbx_struct_conn_angle.ptnr3_auth_asym_id'  
7  5 'Structure model' '_pdbx_struct_conn_angle.ptnr3_auth_seq_id'   
8  5 'Structure model' '_pdbx_struct_conn_angle.ptnr3_label_asym_id' 
9  5 'Structure model' '_pdbx_struct_conn_angle.value'               
10 5 'Structure model' '_struct_conn.pdbx_dist_value'                
11 5 'Structure model' '_struct_conn.ptnr2_auth_asym_id'             
12 5 'Structure model' '_struct_conn.ptnr2_auth_seq_id'              
13 5 'Structure model' '_struct_conn.ptnr2_label_asym_id'            
14 5 'Structure model' '_struct_site.pdbx_auth_asym_id'              
15 5 'Structure model' '_struct_site.pdbx_auth_comp_id'              
16 5 'Structure model' '_struct_site.pdbx_auth_seq_id'               
# 
_pdbx_database_status.status_code                     REL 
_pdbx_database_status.entry_id                        1DNX 
_pdbx_database_status.recvd_initial_deposition_date   1999-12-16 
_pdbx_database_status.deposit_site                    RCSB 
_pdbx_database_status.process_site                    RCSB 
_pdbx_database_status.status_code_sf                  REL 
_pdbx_database_status.SG_entry                        . 
_pdbx_database_status.status_code_mr                  ? 
_pdbx_database_status.pdb_format_compatible           Y 
_pdbx_database_status.status_code_cs                  ? 
_pdbx_database_status.methods_development_category    ? 
_pdbx_database_status.status_code_nmr_data            ? 
# 
loop_
_pdbx_database_related.db_name 
_pdbx_database_related.db_id 
_pdbx_database_related.details 
_pdbx_database_related.content_type 
PDB 1DNO . unspecified 
PDB 1DNT . unspecified 
# 
loop_
_audit_author.name 
_audit_author.pdbx_ordinal 
'Robinson, H.'   1 
'Gao, Y.-G.'     2 
'Sanishvili, R.' 3 
'Joachimiak, A.' 4 
'Wang, A.H.-J.'  5 
# 
_citation.id                        primary 
_citation.title                     
'Hexahydrated magnesium ions bind in the deep major groove and at the outer mouth of A-form nucleic acid duplexes.' 
_citation.journal_abbrev            'Nucleic Acids Res.' 
_citation.journal_volume            28 
_citation.page_first                1760 
_citation.page_last                 1766 
_citation.year                      2000 
_citation.journal_id_ASTM           NARHAD 
_citation.country                   UK 
_citation.journal_id_ISSN           0305-1048 
_citation.journal_id_CSD            0389 
_citation.book_publisher            ? 
_citation.pdbx_database_id_PubMed   10734195 
_citation.pdbx_database_id_DOI      10.1093/nar/28.8.1760 
# 
loop_
_citation_author.citation_id 
_citation_author.name 
_citation_author.ordinal 
_citation_author.identifier_ORCID 
primary 'Robinson, H.'   1 ? 
primary 'Gao, Y.G.'      2 ? 
primary 'Sanishvili, R.' 3 ? 
primary 'Joachimiak, A.' 4 ? 
primary 'Wang, A.H.'     5 ? 
# 
loop_
_entity.id 
_entity.type 
_entity.src_method 
_entity.pdbx_description 
_entity.formula_weight 
_entity.pdbx_number_of_molecules 
_entity.pdbx_ec 
_entity.pdbx_mutation 
_entity.pdbx_fragment 
_entity.details 
1 polymer     syn 
;DNA/RNA (5'-R(*GP)-D(*CP*GP*TP*AP*TP*AP*CP*GP*C)-3')
;
3061.005 2  ? ? ? ? 
2 non-polymer syn 'MAGNESIUM ION'                                        24.305   1  ? ? ? ? 
3 water       nat water                                                  18.015   84 ? ? ? ? 
# 
_entity_poly.entity_id                      1 
_entity_poly.type                           'polydeoxyribonucleotide/polyribonucleotide hybrid' 
_entity_poly.nstd_linkage                   no 
_entity_poly.nstd_monomer                   no 
_entity_poly.pdbx_seq_one_letter_code       'G(DC)(DG)(DT)(DA)(DT)(DA)(DC)(DG)(DC)' 
_entity_poly.pdbx_seq_one_letter_code_can   GCGTATACGC 
_entity_poly.pdbx_strand_id                 A,B 
_entity_poly.pdbx_target_identifier         ? 
# 
loop_
_pdbx_entity_nonpoly.entity_id 
_pdbx_entity_nonpoly.name 
_pdbx_entity_nonpoly.comp_id 
2 'MAGNESIUM ION' MG  
3 water           HOH 
# 
loop_
_entity_poly_seq.entity_id 
_entity_poly_seq.num 
_entity_poly_seq.mon_id 
_entity_poly_seq.hetero 
1 1  G  n 
1 2  DC n 
1 3  DG n 
1 4  DT n 
1 5  DA n 
1 6  DT n 
1 7  DA n 
1 8  DC n 
1 9  DG n 
1 10 DC n 
# 
loop_
_chem_comp.id 
_chem_comp.type 
_chem_comp.mon_nstd_flag 
_chem_comp.name 
_chem_comp.pdbx_synonyms 
_chem_comp.formula 
_chem_comp.formula_weight 
DA  'DNA linking' y "2'-DEOXYADENOSINE-5'-MONOPHOSPHATE" ? 'C10 H14 N5 O6 P' 331.222 
DC  'DNA linking' y "2'-DEOXYCYTIDINE-5'-MONOPHOSPHATE"  ? 'C9 H14 N3 O7 P'  307.197 
DG  'DNA linking' y "2'-DEOXYGUANOSINE-5'-MONOPHOSPHATE" ? 'C10 H14 N5 O7 P' 347.221 
DT  'DNA linking' y "THYMIDINE-5'-MONOPHOSPHATE"         ? 'C10 H15 N2 O8 P' 322.208 
G   'RNA linking' y "GUANOSINE-5'-MONOPHOSPHATE"         ? 'C10 H14 N5 O8 P' 363.221 
HOH non-polymer   . WATER                                ? 'H2 O'            18.015  
MG  non-polymer   . 'MAGNESIUM ION'                      ? 'Mg 2'            24.305  
# 
loop_
_pdbx_poly_seq_scheme.asym_id 
_pdbx_poly_seq_scheme.entity_id 
_pdbx_poly_seq_scheme.seq_id 
_pdbx_poly_seq_scheme.mon_id 
_pdbx_poly_seq_scheme.ndb_seq_num 
_pdbx_poly_seq_scheme.pdb_seq_num 
_pdbx_poly_seq_scheme.auth_seq_num 
_pdbx_poly_seq_scheme.pdb_mon_id 
_pdbx_poly_seq_scheme.auth_mon_id 
_pdbx_poly_seq_scheme.pdb_strand_id 
_pdbx_poly_seq_scheme.pdb_ins_code 
_pdbx_poly_seq_scheme.hetero 
A 1 1  G  1  1  1  G  G A . n 
A 1 2  DC 2  2  2  DC C A . n 
A 1 3  DG 3  3  3  DG G A . n 
A 1 4  DT 4  4  4  DT T A . n 
A 1 5  DA 5  5  5  DA A A . n 
A 1 6  DT 6  6  6  DT T A . n 
A 1 7  DA 7  7  7  DA A A . n 
A 1 8  DC 8  8  8  DC C A . n 
A 1 9  DG 9  9  9  DG G A . n 
A 1 10 DC 10 10 10 DC C A . n 
B 1 1  G  1  11 11 G  G B . n 
B 1 2  DC 2  12 12 DC C B . n 
B 1 3  DG 3  13 13 DG G B . n 
B 1 4  DT 4  14 14 DT T B . n 
B 1 5  DA 5  15 15 DA A B . n 
B 1 6  DT 6  16 16 DT T B . n 
B 1 7  DA 7  17 17 DA A B . n 
B 1 8  DC 8  18 18 DC C B . n 
B 1 9  DG 9  19 19 DG G B . n 
B 1 10 DC 10 20 20 DC C B . n 
# 
loop_
_pdbx_nonpoly_scheme.asym_id 
_pdbx_nonpoly_scheme.entity_id 
_pdbx_nonpoly_scheme.mon_id 
_pdbx_nonpoly_scheme.ndb_seq_num 
_pdbx_nonpoly_scheme.pdb_seq_num 
_pdbx_nonpoly_scheme.auth_seq_num 
_pdbx_nonpoly_scheme.pdb_mon_id 
_pdbx_nonpoly_scheme.auth_mon_id 
_pdbx_nonpoly_scheme.pdb_strand_id 
_pdbx_nonpoly_scheme.pdb_ins_code 
C 2 MG  1  24  24  MG  MO6 A . 
D 3 HOH 1  104 104 HOH HOH A . 
D 3 HOH 2  105 105 HOH HOH A . 
D 3 HOH 3  106 106 HOH HOH A . 
D 3 HOH 4  107 107 HOH HOH A . 
D 3 HOH 5  108 108 HOH HOH A . 
D 3 HOH 6  109 109 HOH HOH A . 
D 3 HOH 7  111 111 HOH HOH A . 
D 3 HOH 8  112 112 HOH HOH A . 
D 3 HOH 9  113 113 HOH HOH A . 
D 3 HOH 10 114 114 HOH HOH A . 
D 3 HOH 11 117 117 HOH HOH A . 
D 3 HOH 12 121 121 HOH HOH A . 
D 3 HOH 13 122 122 HOH HOH A . 
D 3 HOH 14 123 123 HOH HOH A . 
D 3 HOH 15 124 124 HOH HOH A . 
D 3 HOH 16 126 126 HOH HOH A . 
D 3 HOH 17 128 128 HOH HOH A . 
D 3 HOH 18 129 129 HOH HOH A . 
D 3 HOH 19 131 131 HOH HOH A . 
D 3 HOH 20 134 134 HOH HOH A . 
D 3 HOH 21 135 135 HOH HOH A . 
D 3 HOH 22 138 138 HOH HOH A . 
D 3 HOH 23 140 140 HOH HOH A . 
D 3 HOH 24 142 142 HOH HOH A . 
D 3 HOH 25 144 144 HOH HOH A . 
D 3 HOH 26 145 145 HOH HOH A . 
D 3 HOH 27 146 146 HOH HOH A . 
D 3 HOH 28 147 147 HOH HOH A . 
D 3 HOH 29 151 151 HOH HOH A . 
D 3 HOH 30 152 152 HOH HOH A . 
D 3 HOH 31 153 153 HOH HOH A . 
D 3 HOH 32 158 158 HOH HOH A . 
D 3 HOH 33 160 160 HOH HOH A . 
D 3 HOH 34 161 161 HOH HOH A . 
D 3 HOH 35 163 163 HOH HOH A . 
D 3 HOH 36 164 164 HOH HOH A . 
D 3 HOH 37 165 165 HOH HOH A . 
D 3 HOH 38 173 173 HOH HOH A . 
D 3 HOH 39 175 175 HOH HOH A . 
D 3 HOH 40 176 176 HOH HOH A . 
D 3 HOH 41 177 177 HOH HOH A . 
D 3 HOH 42 178 178 HOH HOH A . 
D 3 HOH 43 179 24  HOH MO6 A . 
D 3 HOH 44 180 24  HOH MO6 A . 
D 3 HOH 45 181 24  HOH MO6 A . 
D 3 HOH 46 182 24  HOH MO6 A . 
D 3 HOH 47 184 24  HOH MO6 A . 
E 3 HOH 1  101 101 HOH HOH B . 
E 3 HOH 2  102 102 HOH HOH B . 
E 3 HOH 3  103 103 HOH HOH B . 
E 3 HOH 4  110 110 HOH HOH B . 
E 3 HOH 5  115 115 HOH HOH B . 
E 3 HOH 6  116 116 HOH HOH B . 
E 3 HOH 7  118 118 HOH HOH B . 
E 3 HOH 8  119 119 HOH HOH B . 
E 3 HOH 9  120 120 HOH HOH B . 
E 3 HOH 10 125 125 HOH HOH B . 
E 3 HOH 11 127 127 HOH HOH B . 
E 3 HOH 12 130 130 HOH HOH B . 
E 3 HOH 13 132 132 HOH HOH B . 
E 3 HOH 14 133 133 HOH HOH B . 
E 3 HOH 15 136 136 HOH HOH B . 
E 3 HOH 16 137 137 HOH HOH B . 
E 3 HOH 17 139 139 HOH HOH B . 
E 3 HOH 18 141 141 HOH HOH B . 
E 3 HOH 19 143 143 HOH HOH B . 
E 3 HOH 20 148 148 HOH HOH B . 
E 3 HOH 21 149 149 HOH HOH B . 
E 3 HOH 22 150 150 HOH HOH B . 
E 3 HOH 23 154 154 HOH HOH B . 
E 3 HOH 24 155 155 HOH HOH B . 
E 3 HOH 25 156 156 HOH HOH B . 
E 3 HOH 26 157 157 HOH HOH B . 
E 3 HOH 27 159 159 HOH HOH B . 
E 3 HOH 28 162 162 HOH HOH B . 
E 3 HOH 29 166 166 HOH HOH B . 
E 3 HOH 30 167 167 HOH HOH B . 
E 3 HOH 31 168 168 HOH HOH B . 
E 3 HOH 32 169 169 HOH HOH B . 
E 3 HOH 33 170 170 HOH HOH B . 
E 3 HOH 34 171 171 HOH HOH B . 
E 3 HOH 35 172 172 HOH HOH B . 
E 3 HOH 36 174 174 HOH HOH B . 
E 3 HOH 37 183 24  HOH MO6 B . 
# 
loop_
_software.name 
_software.classification 
_software.version 
_software.citation_id 
_software.pdbx_ordinal 
d*TREK    'data reduction' V.4.7    ? 1 
X-PLOR    'model building' .        ? 2 
SHELXL-97 refinement       .        ? 3 
d*TREK    'data scaling'   'V. 4.7' ? 4 
X-PLOR    phasing          .        ? 5 
# 
_cell.entry_id           1DNX 
_cell.length_a           26.188 
_cell.length_b           41.944 
_cell.length_c           43.323 
_cell.angle_alpha        90.00 
_cell.angle_beta         90.00 
_cell.angle_gamma        90.00 
_cell.Z_PDB              8 
_cell.pdbx_unique_axis   ? 
_cell.length_a_esd       ? 
_cell.length_b_esd       ? 
_cell.length_c_esd       ? 
_cell.angle_alpha_esd    ? 
_cell.angle_beta_esd     ? 
_cell.angle_gamma_esd    ? 
# 
_symmetry.entry_id                         1DNX 
_symmetry.space_group_name_H-M             'P 21 21 21' 
_symmetry.pdbx_full_space_group_name_H-M   ? 
_symmetry.cell_setting                     orthorhombic 
_symmetry.Int_Tables_number                19 
_symmetry.space_group_name_Hall            ? 
# 
_exptl.entry_id          1DNX 
_exptl.method            'X-RAY DIFFRACTION' 
_exptl.crystals_number   1 
# 
_exptl_crystal.id                    1 
_exptl_crystal.density_meas          ? 
_exptl_crystal.density_Matthews      1.75 
_exptl_crystal.density_percent_sol   30. 
_exptl_crystal.description           ? 
_exptl_crystal.F_000                 ? 
_exptl_crystal.preparation           ? 
# 
_exptl_crystal_grow.crystal_id      1 
_exptl_crystal_grow.method          'VAPOR DIFFUSION, SITTING DROP' 
_exptl_crystal_grow.temp            298 
_exptl_crystal_grow.temp_details    ? 
_exptl_crystal_grow.pH              6.5 
_exptl_crystal_grow.pdbx_details    'MPD, CACODYLATE, MGCL2, SPERMINE, pH 6.5, VAPOR DIFFUSION, SITTING DROP, temperature 298K' 
_exptl_crystal_grow.pdbx_pH_range   ? 
# 
loop_
_exptl_crystal_grow_comp.crystal_id 
_exptl_crystal_grow_comp.id 
_exptl_crystal_grow_comp.sol_id 
_exptl_crystal_grow_comp.name 
_exptl_crystal_grow_comp.volume 
_exptl_crystal_grow_comp.conc 
_exptl_crystal_grow_comp.details 
1 1 1 CACODYLATE ? ? ? 
1 2 1 SPERMINE   ? ? ? 
1 3 1 MGCL2      ? ? ? 
1 4 1 MPD        ? ? ? 
1 5 2 MPD        ? ? ? 
# 
_diffrn.id                     1 
_diffrn.ambient_temp           123 
_diffrn.ambient_temp_details   ? 
_diffrn.crystal_id             1 
# 
_diffrn_detector.diffrn_id              1 
_diffrn_detector.detector               'IMAGE PLATE' 
_diffrn_detector.type                   'RIGAKU RAXIS IIC' 
_diffrn_detector.pdbx_collection_date   1999-04-22 
_diffrn_detector.details                ? 
# 
_diffrn_radiation.diffrn_id                        1 
_diffrn_radiation.wavelength_id                    1 
_diffrn_radiation.pdbx_monochromatic_or_laue_m_l   M 
_diffrn_radiation.monochromator                    ? 
_diffrn_radiation.pdbx_diffrn_protocol             'SINGLE WAVELENGTH' 
_diffrn_radiation.pdbx_scattering_type             x-ray 
# 
_diffrn_radiation_wavelength.id           1 
_diffrn_radiation_wavelength.wavelength   1.5418 
_diffrn_radiation_wavelength.wt           1.0 
# 
_diffrn_source.diffrn_id                   1 
_diffrn_source.source                      'ROTATING ANODE' 
_diffrn_source.type                        'RIGAKU RU200' 
_diffrn_source.pdbx_synchrotron_site       ? 
_diffrn_source.pdbx_synchrotron_beamline   ? 
_diffrn_source.pdbx_wavelength             1.5418 
_diffrn_source.pdbx_wavelength_list        ? 
# 
_reflns.entry_id                     1DNX 
_reflns.observed_criterion_sigma_I   0.0 
_reflns.observed_criterion_sigma_F   0.0 
_reflns.d_resolution_low             20 
_reflns.d_resolution_high            1.7 
_reflns.number_obs                   5659 
_reflns.number_all                   5659 
_reflns.percent_possible_obs         96.3 
_reflns.pdbx_Rmerge_I_obs            0.079 
_reflns.pdbx_Rsym_value              ? 
_reflns.pdbx_netI_over_sigmaI        47.3 
_reflns.B_iso_Wilson_estimate        ? 
_reflns.pdbx_redundancy              10.1 
_reflns.R_free_details               ? 
_reflns.pdbx_chi_squared             ? 
_reflns.pdbx_scaling_rejects         ? 
_reflns.pdbx_diffrn_id               1 
_reflns.pdbx_ordinal                 1 
# 
_reflns_shell.d_res_high             1.70 
_reflns_shell.d_res_low              1.76 
_reflns_shell.percent_possible_all   94.0 
_reflns_shell.Rmerge_I_obs           0.228 
_reflns_shell.pdbx_Rsym_value        ? 
_reflns_shell.meanI_over_sigI_obs    17.7 
_reflns_shell.pdbx_redundancy        7.1 
_reflns_shell.percent_possible_obs   ? 
_reflns_shell.number_unique_all      ? 
_reflns_shell.number_measured_all    ? 
_reflns_shell.number_measured_obs    ? 
_reflns_shell.number_unique_obs      ? 
_reflns_shell.pdbx_chi_squared       ? 
_reflns_shell.pdbx_diffrn_id         ? 
_reflns_shell.pdbx_ordinal           1 
# 
_refine.entry_id                                 1DNX 
_refine.ls_number_reflns_obs                     5598 
_refine.ls_number_reflns_all                     5659 
_refine.pdbx_ls_sigma_I                          0 
_refine.pdbx_ls_sigma_F                          0 
_refine.pdbx_data_cutoff_high_absF               ? 
_refine.pdbx_data_cutoff_low_absF                ? 
_refine.pdbx_data_cutoff_high_rms_absF           ? 
_refine.ls_d_res_low                             20.0 
_refine.ls_d_res_high                            1.70 
_refine.ls_percent_reflns_obs                    96.3 
_refine.ls_R_factor_obs                          0.194 
_refine.ls_R_factor_all                          0.195 
_refine.ls_R_factor_R_work                       0.195 
_refine.ls_R_factor_R_free                       0.243 
_refine.ls_R_factor_R_free_error                 ? 
_refine.ls_R_factor_R_free_error_details         ? 
_refine.ls_percent_reflns_R_free                 5 
_refine.ls_number_reflns_R_free                  290 
_refine.ls_number_parameters                     1979 
_refine.ls_number_restraints                     1758 
_refine.occupancy_min                            ? 
_refine.occupancy_max                            ? 
_refine.B_iso_mean                               ? 
_refine.aniso_B[1][1]                            ? 
_refine.aniso_B[2][2]                            ? 
_refine.aniso_B[3][3]                            ? 
_refine.aniso_B[1][2]                            ? 
_refine.aniso_B[1][3]                            ? 
_refine.aniso_B[2][3]                            ? 
_refine.solvent_model_details                    'SHELXL SWAT OPTION' 
_refine.solvent_model_param_ksol                 ? 
_refine.solvent_model_param_bsol                 ? 
_refine.pdbx_ls_cross_valid_method               'A POSTERIORI' 
_refine.details                                  ? 
_refine.pdbx_starting_model                      ? 
_refine.pdbx_method_to_determine_struct          ? 
_refine.pdbx_isotropic_thermal_model             ? 
_refine.pdbx_stereochemistry_target_values       'G.PARKINSON ET AL.' 
_refine.pdbx_stereochem_target_val_spec_case     ? 
_refine.pdbx_R_Free_selection_details            RANDOM 
_refine.pdbx_overall_ESU_R                       ? 
_refine.pdbx_overall_ESU_R_Free                  ? 
_refine.overall_SU_ML                            ? 
_refine.overall_SU_B                             ? 
_refine.pdbx_refine_id                           'X-RAY DIFFRACTION' 
_refine.ls_redundancy_reflns_obs                 ? 
_refine.pdbx_overall_phase_error                 ? 
_refine.correlation_coeff_Fo_to_Fc               ? 
_refine.correlation_coeff_Fo_to_Fc_free          ? 
_refine.pdbx_solvent_vdw_probe_radii             ? 
_refine.pdbx_solvent_ion_probe_radii             ? 
_refine.pdbx_solvent_shrinkage_radii             ? 
_refine.overall_SU_R_Cruickshank_DPI             ? 
_refine.overall_SU_R_free                        ? 
_refine.ls_wR_factor_R_free                      ? 
_refine.ls_wR_factor_R_work                      ? 
_refine.overall_FOM_free_R_set                   ? 
_refine.overall_FOM_work_R_set                   ? 
_refine.pdbx_diffrn_id                           1 
_refine.pdbx_TLS_residual_ADP_flag               ? 
_refine.pdbx_overall_SU_R_free_Cruickshank_DPI   ? 
_refine.pdbx_overall_SU_R_Blow_DPI               ? 
_refine.pdbx_overall_SU_R_free_Blow_DPI          ? 
# 
_refine_analyze.entry_id                        1DNX 
_refine_analyze.Luzzati_coordinate_error_obs    ? 
_refine_analyze.Luzzati_sigma_a_obs             ? 
_refine_analyze.Luzzati_d_res_low_obs           ? 
_refine_analyze.Luzzati_coordinate_error_free   ? 
_refine_analyze.Luzzati_sigma_a_free            ? 
_refine_analyze.Luzzati_d_res_low_free          ? 
_refine_analyze.number_disordered_residues      0 
_refine_analyze.occupancy_sum_hydrogen          0 
_refine_analyze.occupancy_sum_non_hydrogen      491 
_refine_analyze.pdbx_refine_id                  'X-RAY DIFFRACTION' 
# 
_refine_hist.pdbx_refine_id                   'X-RAY DIFFRACTION' 
_refine_hist.cycle_id                         LAST 
_refine_hist.pdbx_number_atoms_protein        0 
_refine_hist.pdbx_number_atoms_nucleic_acid   406 
_refine_hist.pdbx_number_atoms_ligand         7 
_refine_hist.number_atoms_solvent             78 
_refine_hist.number_atoms_total               491 
_refine_hist.d_res_high                       1.70 
_refine_hist.d_res_low                        20.0 
# 
loop_
_refine_ls_restr.type 
_refine_ls_restr.dev_ideal 
_refine_ls_restr.dev_ideal_target 
_refine_ls_restr.weight 
_refine_ls_restr.number 
_refine_ls_restr.pdbx_refine_id 
_refine_ls_restr.pdbx_restraint_function 
s_bond_d               0.008 ? ? ? 'X-RAY DIFFRACTION' ? 
s_angle_d              0.024 ? ? ? 'X-RAY DIFFRACTION' ? 
s_similar_dist         ?     ? ? ? 'X-RAY DIFFRACTION' ? 
s_from_restr_planes    0.074 ? ? ? 'X-RAY DIFFRACTION' ? 
s_zero_chiral_vol      ?     ? ? ? 'X-RAY DIFFRACTION' ? 
s_non_zero_chiral_vol  ?     ? ? ? 'X-RAY DIFFRACTION' ? 
s_anti_bump_dis_restr  0.003 ? ? ? 'X-RAY DIFFRACTION' ? 
s_rigid_bond_adp_cmpnt ?     ? ? ? 'X-RAY DIFFRACTION' ? 
s_similar_adp_cmpnt    0.052 ? ? ? 'X-RAY DIFFRACTION' ? 
s_approx_iso_adps      ?     ? ? ? 'X-RAY DIFFRACTION' ? 
# 
_pdbx_refine.entry_id                                    1DNX 
_pdbx_refine.R_factor_all_no_cutoff                      ? 
_pdbx_refine.R_factor_obs_no_cutoff                      ? 
_pdbx_refine.free_R_factor_no_cutoff                     ? 
_pdbx_refine.free_R_val_test_set_size_perc_no_cutoff     ? 
_pdbx_refine.free_R_val_test_set_ct_no_cutoff            ? 
_pdbx_refine.R_factor_all_4sig_cutoff                    0.194 
_pdbx_refine.R_factor_obs_4sig_cutoff                    0.193 
_pdbx_refine.free_R_factor_4sig_cutoff                   0.24 
_pdbx_refine.free_R_val_test_set_size_perc_4sig_cutoff   5 
_pdbx_refine.free_R_val_test_set_ct_4sig_cutoff          285 
_pdbx_refine.number_reflns_obs_4sig_cutoff               5598 
_pdbx_refine.pdbx_refine_id                              'X-RAY DIFFRACTION' 
_pdbx_refine.free_R_error_no_cutoff                      ? 
# 
_struct.entry_id                  1DNX 
_struct.title                     'RNA/DNA DODECAMER R(G)D(CGTATACGC) WITH MAGNESIUM BINDING SITES' 
_struct.pdbx_model_details        ? 
_struct.pdbx_CASP_flag            ? 
_struct.pdbx_model_type_details   ? 
# 
_struct_keywords.entry_id        1DNX 
_struct_keywords.pdbx_keywords   'DNA-RNA HYBRID' 
_struct_keywords.text            'DNA CONFORMATION, RNA/DNA HYBRID, METAL IONS, DNA-RNA COMPLEX, DNA-RNA HYBRID' 
# 
loop_
_struct_asym.id 
_struct_asym.pdbx_blank_PDB_chainid_flag 
_struct_asym.pdbx_modified 
_struct_asym.entity_id 
_struct_asym.details 
A N N 1 ? 
B N N 1 ? 
C N N 2 ? 
D N N 3 ? 
E N N 3 ? 
# 
_struct_ref.id                         1 
_struct_ref.entity_id                  1 
_struct_ref.db_name                    PDB 
_struct_ref.db_code                    1DNX 
_struct_ref.pdbx_db_accession          1DNX 
_struct_ref.pdbx_align_begin           ? 
_struct_ref.pdbx_seq_one_letter_code   ? 
_struct_ref.pdbx_db_isoform            ? 
# 
loop_
_struct_ref_seq.align_id 
_struct_ref_seq.ref_id 
_struct_ref_seq.pdbx_PDB_id_code 
_struct_ref_seq.pdbx_strand_id 
_struct_ref_seq.seq_align_beg 
_struct_ref_seq.pdbx_seq_align_beg_ins_code 
_struct_ref_seq.seq_align_end 
_struct_ref_seq.pdbx_seq_align_end_ins_code 
_struct_ref_seq.pdbx_db_accession 
_struct_ref_seq.db_align_beg 
_struct_ref_seq.pdbx_db_align_beg_ins_code 
_struct_ref_seq.db_align_end 
_struct_ref_seq.pdbx_db_align_end_ins_code 
_struct_ref_seq.pdbx_auth_seq_align_beg 
_struct_ref_seq.pdbx_auth_seq_align_end 
1 1 1DNX A 1 ? 10 ? 1DNX 1  ? 10 ? 1  10 
2 1 1DNX B 1 ? 10 ? 1DNX 11 ? 20 ? 11 20 
# 
_pdbx_struct_assembly.id                   1 
_pdbx_struct_assembly.details              author_defined_assembly 
_pdbx_struct_assembly.method_details       ? 
_pdbx_struct_assembly.oligomeric_details   dimeric 
_pdbx_struct_assembly.oligomeric_count     2 
# 
_pdbx_struct_assembly_gen.assembly_id       1 
_pdbx_struct_assembly_gen.oper_expression   1 
_pdbx_struct_assembly_gen.asym_id_list      A,B,C,D,E 
# 
_pdbx_struct_oper_list.id                   1 
_pdbx_struct_oper_list.type                 'identity operation' 
_pdbx_struct_oper_list.name                 1_555 
_pdbx_struct_oper_list.symmetry_operation   x,y,z 
_pdbx_struct_oper_list.matrix[1][1]         1.0000000000 
_pdbx_struct_oper_list.matrix[1][2]         0.0000000000 
_pdbx_struct_oper_list.matrix[1][3]         0.0000000000 
_pdbx_struct_oper_list.vector[1]            0.0000000000 
_pdbx_struct_oper_list.matrix[2][1]         0.0000000000 
_pdbx_struct_oper_list.matrix[2][2]         1.0000000000 
_pdbx_struct_oper_list.matrix[2][3]         0.0000000000 
_pdbx_struct_oper_list.vector[2]            0.0000000000 
_pdbx_struct_oper_list.matrix[3][1]         0.0000000000 
_pdbx_struct_oper_list.matrix[3][2]         0.0000000000 
_pdbx_struct_oper_list.matrix[3][3]         1.0000000000 
_pdbx_struct_oper_list.vector[3]            0.0000000000 
# 
_struct_biol.id        1 
_struct_biol.details   ? 
# 
loop_
_struct_conn.id 
_struct_conn.conn_type_id 
_struct_conn.pdbx_leaving_atom_flag 
_struct_conn.pdbx_PDB_id 
_struct_conn.ptnr1_label_asym_id 
_struct_conn.ptnr1_label_comp_id 
_struct_conn.ptnr1_label_seq_id 
_struct_conn.ptnr1_label_atom_id 
_struct_conn.pdbx_ptnr1_label_alt_id 
_struct_conn.pdbx_ptnr1_PDB_ins_code 
_struct_conn.pdbx_ptnr1_standard_comp_id 
_struct_conn.ptnr1_symmetry 
_struct_conn.ptnr2_label_asym_id 
_struct_conn.ptnr2_label_comp_id 
_struct_conn.ptnr2_label_seq_id 
_struct_conn.ptnr2_label_atom_id 
_struct_conn.pdbx_ptnr2_label_alt_id 
_struct_conn.pdbx_ptnr2_PDB_ins_code 
_struct_conn.ptnr1_auth_asym_id 
_struct_conn.ptnr1_auth_comp_id 
_struct_conn.ptnr1_auth_seq_id 
_struct_conn.ptnr2_auth_asym_id 
_struct_conn.ptnr2_auth_comp_id 
_struct_conn.ptnr2_auth_seq_id 
_struct_conn.ptnr2_symmetry 
_struct_conn.pdbx_ptnr3_label_atom_id 
_struct_conn.pdbx_ptnr3_label_seq_id 
_struct_conn.pdbx_ptnr3_label_comp_id 
_struct_conn.pdbx_ptnr3_label_asym_id 
_struct_conn.pdbx_ptnr3_label_alt_id 
_struct_conn.pdbx_ptnr3_PDB_ins_code 
_struct_conn.details 
_struct_conn.pdbx_dist_value 
_struct_conn.pdbx_value_order 
_struct_conn.pdbx_role 
metalc1  metalc ? ? C MG .  MG ? ? ? 1_555 D HOH .  O  ? ? A MG 24 A HOH 179 1_555 ? ? ? ? ? ? ?            2.062 ? ? 
metalc2  metalc ? ? C MG .  MG ? ? ? 1_555 D HOH .  O  ? ? A MG 24 A HOH 180 1_555 ? ? ? ? ? ? ?            2.052 ? ? 
metalc3  metalc ? ? C MG .  MG ? ? ? 1_555 D HOH .  O  ? ? A MG 24 A HOH 181 1_555 ? ? ? ? ? ? ?            2.066 ? ? 
metalc4  metalc ? ? C MG .  MG ? ? ? 1_555 D HOH .  O  ? ? A MG 24 A HOH 182 1_555 ? ? ? ? ? ? ?            2.072 ? ? 
metalc5  metalc ? ? C MG .  MG ? ? ? 1_555 D HOH .  O  ? ? A MG 24 A HOH 184 1_555 ? ? ? ? ? ? ?            2.052 ? ? 
metalc6  metalc ? ? C MG .  MG ? ? ? 1_555 E HOH .  O  ? ? A MG 24 B HOH 183 1_555 ? ? ? ? ? ? ?            2.065 ? ? 
hydrog1  hydrog ? ? A G  1  N1 ? ? ? 1_555 B DC  10 N3 ? ? A G  1  B DC  20  1_555 ? ? ? ? ? ? WATSON-CRICK ?     ? ? 
hydrog2  hydrog ? ? A G  1  N2 ? ? ? 1_555 B DC  10 O2 ? ? A G  1  B DC  20  1_555 ? ? ? ? ? ? WATSON-CRICK ?     ? ? 
hydrog3  hydrog ? ? A G  1  O6 ? ? ? 1_555 B DC  10 N4 ? ? A G  1  B DC  20  1_555 ? ? ? ? ? ? WATSON-CRICK ?     ? ? 
hydrog4  hydrog ? ? A DC 2  N3 ? ? ? 1_555 B DG  9  N1 ? ? A DC 2  B DG  19  1_555 ? ? ? ? ? ? WATSON-CRICK ?     ? ? 
hydrog5  hydrog ? ? A DC 2  N4 ? ? ? 1_555 B DG  9  O6 ? ? A DC 2  B DG  19  1_555 ? ? ? ? ? ? WATSON-CRICK ?     ? ? 
hydrog6  hydrog ? ? A DC 2  O2 ? ? ? 1_555 B DG  9  N2 ? ? A DC 2  B DG  19  1_555 ? ? ? ? ? ? WATSON-CRICK ?     ? ? 
hydrog7  hydrog ? ? A DG 3  N1 ? ? ? 1_555 B DC  8  N3 ? ? A DG 3  B DC  18  1_555 ? ? ? ? ? ? WATSON-CRICK ?     ? ? 
hydrog8  hydrog ? ? A DG 3  N2 ? ? ? 1_555 B DC  8  O2 ? ? A DG 3  B DC  18  1_555 ? ? ? ? ? ? WATSON-CRICK ?     ? ? 
hydrog9  hydrog ? ? A DG 3  O6 ? ? ? 1_555 B DC  8  N4 ? ? A DG 3  B DC  18  1_555 ? ? ? ? ? ? WATSON-CRICK ?     ? ? 
hydrog10 hydrog ? ? A DT 4  N3 ? ? ? 1_555 B DA  7  N1 ? ? A DT 4  B DA  17  1_555 ? ? ? ? ? ? WATSON-CRICK ?     ? ? 
hydrog11 hydrog ? ? A DT 4  O4 ? ? ? 1_555 B DA  7  N6 ? ? A DT 4  B DA  17  1_555 ? ? ? ? ? ? WATSON-CRICK ?     ? ? 
hydrog12 hydrog ? ? A DA 5  N1 ? ? ? 1_555 B DT  6  N3 ? ? A DA 5  B DT  16  1_555 ? ? ? ? ? ? WATSON-CRICK ?     ? ? 
hydrog13 hydrog ? ? A DA 5  N6 ? ? ? 1_555 B DT  6  O4 ? ? A DA 5  B DT  16  1_555 ? ? ? ? ? ? WATSON-CRICK ?     ? ? 
hydrog14 hydrog ? ? A DT 6  N3 ? ? ? 1_555 B DA  5  N1 ? ? A DT 6  B DA  15  1_555 ? ? ? ? ? ? WATSON-CRICK ?     ? ? 
hydrog15 hydrog ? ? A DT 6  O4 ? ? ? 1_555 B DA  5  N6 ? ? A DT 6  B DA  15  1_555 ? ? ? ? ? ? WATSON-CRICK ?     ? ? 
hydrog16 hydrog ? ? A DA 7  N1 ? ? ? 1_555 B DT  4  N3 ? ? A DA 7  B DT  14  1_555 ? ? ? ? ? ? WATSON-CRICK ?     ? ? 
hydrog17 hydrog ? ? A DA 7  N6 ? ? ? 1_555 B DT  4  O4 ? ? A DA 7  B DT  14  1_555 ? ? ? ? ? ? WATSON-CRICK ?     ? ? 
hydrog18 hydrog ? ? A DC 8  N3 ? ? ? 1_555 B DG  3  N1 ? ? A DC 8  B DG  13  1_555 ? ? ? ? ? ? WATSON-CRICK ?     ? ? 
hydrog19 hydrog ? ? A DC 8  N4 ? ? ? 1_555 B DG  3  O6 ? ? A DC 8  B DG  13  1_555 ? ? ? ? ? ? WATSON-CRICK ?     ? ? 
hydrog20 hydrog ? ? A DC 8  O2 ? ? ? 1_555 B DG  3  N2 ? ? A DC 8  B DG  13  1_555 ? ? ? ? ? ? WATSON-CRICK ?     ? ? 
hydrog21 hydrog ? ? A DG 9  N1 ? ? ? 1_555 B DC  2  N3 ? ? A DG 9  B DC  12  1_555 ? ? ? ? ? ? WATSON-CRICK ?     ? ? 
hydrog22 hydrog ? ? A DG 9  N2 ? ? ? 1_555 B DC  2  O2 ? ? A DG 9  B DC  12  1_555 ? ? ? ? ? ? WATSON-CRICK ?     ? ? 
hydrog23 hydrog ? ? A DG 9  O6 ? ? ? 1_555 B DC  2  N4 ? ? A DG 9  B DC  12  1_555 ? ? ? ? ? ? WATSON-CRICK ?     ? ? 
hydrog24 hydrog ? ? A DC 10 N3 ? ? ? 1_555 B G   1  N1 ? ? A DC 10 B G   11  1_555 ? ? ? ? ? ? WATSON-CRICK ?     ? ? 
hydrog25 hydrog ? ? A DC 10 N4 ? ? ? 1_555 B G   1  O6 ? ? A DC 10 B G   11  1_555 ? ? ? ? ? ? WATSON-CRICK ?     ? ? 
hydrog26 hydrog ? ? A DC 10 O2 ? ? ? 1_555 B G   1  N2 ? ? A DC 10 B G   11  1_555 ? ? ? ? ? ? WATSON-CRICK ?     ? ? 
# 
loop_
_struct_conn_type.id 
_struct_conn_type.criteria 
_struct_conn_type.reference 
metalc ? ? 
hydrog ? ? 
# 
loop_
_pdbx_struct_conn_angle.id 
_pdbx_struct_conn_angle.ptnr1_label_atom_id 
_pdbx_struct_conn_angle.ptnr1_label_alt_id 
_pdbx_struct_conn_angle.ptnr1_label_asym_id 
_pdbx_struct_conn_angle.ptnr1_label_comp_id 
_pdbx_struct_conn_angle.ptnr1_label_seq_id 
_pdbx_struct_conn_angle.ptnr1_auth_atom_id 
_pdbx_struct_conn_angle.ptnr1_auth_asym_id 
_pdbx_struct_conn_angle.ptnr1_auth_comp_id 
_pdbx_struct_conn_angle.ptnr1_auth_seq_id 
_pdbx_struct_conn_angle.ptnr1_PDB_ins_code 
_pdbx_struct_conn_angle.ptnr1_symmetry 
_pdbx_struct_conn_angle.ptnr2_label_atom_id 
_pdbx_struct_conn_angle.ptnr2_label_alt_id 
_pdbx_struct_conn_angle.ptnr2_label_asym_id 
_pdbx_struct_conn_angle.ptnr2_label_comp_id 
_pdbx_struct_conn_angle.ptnr2_label_seq_id 
_pdbx_struct_conn_angle.ptnr2_auth_atom_id 
_pdbx_struct_conn_angle.ptnr2_auth_asym_id 
_pdbx_struct_conn_angle.ptnr2_auth_comp_id 
_pdbx_struct_conn_angle.ptnr2_auth_seq_id 
_pdbx_struct_conn_angle.ptnr2_PDB_ins_code 
_pdbx_struct_conn_angle.ptnr2_symmetry 
_pdbx_struct_conn_angle.ptnr3_label_atom_id 
_pdbx_struct_conn_angle.ptnr3_label_alt_id 
_pdbx_struct_conn_angle.ptnr3_label_asym_id 
_pdbx_struct_conn_angle.ptnr3_label_comp_id 
_pdbx_struct_conn_angle.ptnr3_label_seq_id 
_pdbx_struct_conn_angle.ptnr3_auth_atom_id 
_pdbx_struct_conn_angle.ptnr3_auth_asym_id 
_pdbx_struct_conn_angle.ptnr3_auth_comp_id 
_pdbx_struct_conn_angle.ptnr3_auth_seq_id 
_pdbx_struct_conn_angle.ptnr3_PDB_ins_code 
_pdbx_struct_conn_angle.ptnr3_symmetry 
_pdbx_struct_conn_angle.value 
_pdbx_struct_conn_angle.value_esd 
1  O ? D HOH . ? A HOH 179 ? 1_555 MG ? C MG . ? A MG 24 ? 1_555 O ? D HOH . ? A HOH 180 ? 1_555 179.5 ? 
2  O ? D HOH . ? A HOH 179 ? 1_555 MG ? C MG . ? A MG 24 ? 1_555 O ? D HOH . ? A HOH 181 ? 1_555 90.0  ? 
3  O ? D HOH . ? A HOH 180 ? 1_555 MG ? C MG . ? A MG 24 ? 1_555 O ? D HOH . ? A HOH 181 ? 1_555 89.9  ? 
4  O ? D HOH . ? A HOH 179 ? 1_555 MG ? C MG . ? A MG 24 ? 1_555 O ? D HOH . ? A HOH 182 ? 1_555 88.9  ? 
5  O ? D HOH . ? A HOH 180 ? 1_555 MG ? C MG . ? A MG 24 ? 1_555 O ? D HOH . ? A HOH 182 ? 1_555 90.7  ? 
6  O ? D HOH . ? A HOH 181 ? 1_555 MG ? C MG . ? A MG 24 ? 1_555 O ? D HOH . ? A HOH 182 ? 1_555 88.0  ? 
7  O ? D HOH . ? A HOH 179 ? 1_555 MG ? C MG . ? A MG 24 ? 1_555 O ? D HOH . ? A HOH 184 ? 1_555 91.1  ? 
8  O ? D HOH . ? A HOH 180 ? 1_555 MG ? C MG . ? A MG 24 ? 1_555 O ? D HOH . ? A HOH 184 ? 1_555 89.3  ? 
9  O ? D HOH . ? A HOH 181 ? 1_555 MG ? C MG . ? A MG 24 ? 1_555 O ? D HOH . ? A HOH 184 ? 1_555 90.5  ? 
10 O ? D HOH . ? A HOH 182 ? 1_555 MG ? C MG . ? A MG 24 ? 1_555 O ? D HOH . ? A HOH 184 ? 1_555 178.6 ? 
11 O ? D HOH . ? A HOH 179 ? 1_555 MG ? C MG . ? A MG 24 ? 1_555 O ? E HOH . ? B HOH 183 ? 1_555 89.7  ? 
12 O ? D HOH . ? A HOH 180 ? 1_555 MG ? C MG . ? A MG 24 ? 1_555 O ? E HOH . ? B HOH 183 ? 1_555 90.4  ? 
13 O ? D HOH . ? A HOH 181 ? 1_555 MG ? C MG . ? A MG 24 ? 1_555 O ? E HOH . ? B HOH 183 ? 1_555 177.7 ? 
14 O ? D HOH . ? A HOH 182 ? 1_555 MG ? C MG . ? A MG 24 ? 1_555 O ? E HOH . ? B HOH 183 ? 1_555 89.7  ? 
15 O ? D HOH . ? A HOH 184 ? 1_555 MG ? C MG . ? A MG 24 ? 1_555 O ? E HOH . ? B HOH 183 ? 1_555 91.7  ? 
# 
_struct_site.id                   AC1 
_struct_site.pdbx_evidence_code   Software 
_struct_site.pdbx_auth_asym_id    A 
_struct_site.pdbx_auth_comp_id    MG 
_struct_site.pdbx_auth_seq_id     24 
_struct_site.pdbx_auth_ins_code   ? 
_struct_site.pdbx_num_residues    6 
_struct_site.details              'BINDING SITE FOR RESIDUE MG A 24' 
# 
loop_
_struct_site_gen.id 
_struct_site_gen.site_id 
_struct_site_gen.pdbx_num_res 
_struct_site_gen.label_comp_id 
_struct_site_gen.label_asym_id 
_struct_site_gen.label_seq_id 
_struct_site_gen.pdbx_auth_ins_code 
_struct_site_gen.auth_comp_id 
_struct_site_gen.auth_asym_id 
_struct_site_gen.auth_seq_id 
_struct_site_gen.label_atom_id 
_struct_site_gen.label_alt_id 
_struct_site_gen.symmetry 
_struct_site_gen.details 
1 AC1 6 HOH D . ? HOH A 179 . ? 1_555 ? 
2 AC1 6 HOH D . ? HOH A 180 . ? 1_555 ? 
3 AC1 6 HOH D . ? HOH A 181 . ? 1_555 ? 
4 AC1 6 HOH D . ? HOH A 182 . ? 1_555 ? 
5 AC1 6 HOH D . ? HOH A 184 . ? 1_555 ? 
6 AC1 6 HOH E . ? HOH B 183 . ? 1_555 ? 
# 
loop_
_pdbx_validate_rmsd_angle.id 
_pdbx_validate_rmsd_angle.PDB_model_num 
_pdbx_validate_rmsd_angle.auth_atom_id_1 
_pdbx_validate_rmsd_angle.auth_asym_id_1 
_pdbx_validate_rmsd_angle.auth_comp_id_1 
_pdbx_validate_rmsd_angle.auth_seq_id_1 
_pdbx_validate_rmsd_angle.PDB_ins_code_1 
_pdbx_validate_rmsd_angle.label_alt_id_1 
_pdbx_validate_rmsd_angle.auth_atom_id_2 
_pdbx_validate_rmsd_angle.auth_asym_id_2 
_pdbx_validate_rmsd_angle.auth_comp_id_2 
_pdbx_validate_rmsd_angle.auth_seq_id_2 
_pdbx_validate_rmsd_angle.PDB_ins_code_2 
_pdbx_validate_rmsd_angle.label_alt_id_2 
_pdbx_validate_rmsd_angle.auth_atom_id_3 
_pdbx_validate_rmsd_angle.auth_asym_id_3 
_pdbx_validate_rmsd_angle.auth_comp_id_3 
_pdbx_validate_rmsd_angle.auth_seq_id_3 
_pdbx_validate_rmsd_angle.PDB_ins_code_3 
_pdbx_validate_rmsd_angle.label_alt_id_3 
_pdbx_validate_rmsd_angle.angle_value 
_pdbx_validate_rmsd_angle.angle_target_value 
_pdbx_validate_rmsd_angle.angle_deviation 
_pdbx_validate_rmsd_angle.angle_standard_deviation 
_pdbx_validate_rmsd_angle.linker_flag 
1  1 "C4'" A DT 6  ? ? "C3'" A DT 6  ? ? "C2'" A DT 6  ? ? 97.25  102.20 -4.95 0.70 N 
2  1 N1    A DC 8  ? ? C2    A DC 8  ? ? O2    A DC 8  ? ? 115.15 118.90 -3.75 0.60 N 
3  1 "O4'" A DG 9  ? ? "C4'" A DG 9  ? ? "C3'" A DG 9  ? ? 101.40 104.50 -3.10 0.40 N 
4  1 "O4'" A DG 9  ? ? "C1'" A DG 9  ? ? N9    A DG 9  ? ? 111.47 108.30 3.17  0.30 N 
5  1 "O4'" B DC 12 ? ? "C4'" B DC 12 ? ? "C3'" B DC 12 ? ? 99.02  104.50 -5.48 0.40 N 
6  1 "O4'" B DT 14 ? ? "C4'" B DT 14 ? ? "C3'" B DT 14 ? ? 101.72 104.50 -2.78 0.40 N 
7  1 "O4'" B DC 18 ? ? "C4'" B DC 18 ? ? "C3'" B DC 18 ? ? 100.61 104.50 -3.89 0.40 N 
8  1 N1    B DG 19 ? ? C6    B DG 19 ? ? O6    B DG 19 ? ? 113.52 119.90 -6.38 0.60 N 
9  1 C5    B DG 19 ? ? C6    B DG 19 ? ? O6    B DG 19 ? ? 134.14 128.60 5.54  0.60 N 
10 1 "O4'" B DC 20 ? ? "C4'" B DC 20 ? ? "C3'" B DC 20 ? ? 101.57 104.50 -2.93 0.40 N 
# 
loop_
_pdbx_validate_planes.id 
_pdbx_validate_planes.PDB_model_num 
_pdbx_validate_planes.auth_comp_id 
_pdbx_validate_planes.auth_asym_id 
_pdbx_validate_planes.auth_seq_id 
_pdbx_validate_planes.PDB_ins_code 
_pdbx_validate_planes.label_alt_id 
_pdbx_validate_planes.rmsd 
_pdbx_validate_planes.type 
1 1 DC A 2  ? ? 0.060 'SIDE CHAIN' 
2 1 DT A 4  ? ? 0.073 'SIDE CHAIN' 
3 1 DT A 6  ? ? 0.068 'SIDE CHAIN' 
4 1 DC A 8  ? ? 0.067 'SIDE CHAIN' 
5 1 DG A 9  ? ? 0.064 'SIDE CHAIN' 
6 1 DC A 10 ? ? 0.074 'SIDE CHAIN' 
7 1 G  B 11 ? ? 0.088 'SIDE CHAIN' 
8 1 DG B 19 ? ? 0.099 'SIDE CHAIN' 
# 
loop_
_chem_comp_atom.comp_id 
_chem_comp_atom.atom_id 
_chem_comp_atom.type_symbol 
_chem_comp_atom.pdbx_aromatic_flag 
_chem_comp_atom.pdbx_stereo_config 
_chem_comp_atom.pdbx_ordinal 
DA  OP3    O  N N 1   
DA  P      P  N N 2   
DA  OP1    O  N N 3   
DA  OP2    O  N N 4   
DA  "O5'"  O  N N 5   
DA  "C5'"  C  N N 6   
DA  "C4'"  C  N R 7   
DA  "O4'"  O  N N 8   
DA  "C3'"  C  N S 9   
DA  "O3'"  O  N N 10  
DA  "C2'"  C  N N 11  
DA  "C1'"  C  N R 12  
DA  N9     N  Y N 13  
DA  C8     C  Y N 14  
DA  N7     N  Y N 15  
DA  C5     C  Y N 16  
DA  C6     C  Y N 17  
DA  N6     N  N N 18  
DA  N1     N  Y N 19  
DA  C2     C  Y N 20  
DA  N3     N  Y N 21  
DA  C4     C  Y N 22  
DA  HOP3   H  N N 23  
DA  HOP2   H  N N 24  
DA  "H5'"  H  N N 25  
DA  "H5''" H  N N 26  
DA  "H4'"  H  N N 27  
DA  "H3'"  H  N N 28  
DA  "HO3'" H  N N 29  
DA  "H2'"  H  N N 30  
DA  "H2''" H  N N 31  
DA  "H1'"  H  N N 32  
DA  H8     H  N N 33  
DA  H61    H  N N 34  
DA  H62    H  N N 35  
DA  H2     H  N N 36  
DC  OP3    O  N N 37  
DC  P      P  N N 38  
DC  OP1    O  N N 39  
DC  OP2    O  N N 40  
DC  "O5'"  O  N N 41  
DC  "C5'"  C  N N 42  
DC  "C4'"  C  N R 43  
DC  "O4'"  O  N N 44  
DC  "C3'"  C  N S 45  
DC  "O3'"  O  N N 46  
DC  "C2'"  C  N N 47  
DC  "C1'"  C  N R 48  
DC  N1     N  N N 49  
DC  C2     C  N N 50  
DC  O2     O  N N 51  
DC  N3     N  N N 52  
DC  C4     C  N N 53  
DC  N4     N  N N 54  
DC  C5     C  N N 55  
DC  C6     C  N N 56  
DC  HOP3   H  N N 57  
DC  HOP2   H  N N 58  
DC  "H5'"  H  N N 59  
DC  "H5''" H  N N 60  
DC  "H4'"  H  N N 61  
DC  "H3'"  H  N N 62  
DC  "HO3'" H  N N 63  
DC  "H2'"  H  N N 64  
DC  "H2''" H  N N 65  
DC  "H1'"  H  N N 66  
DC  H41    H  N N 67  
DC  H42    H  N N 68  
DC  H5     H  N N 69  
DC  H6     H  N N 70  
DG  OP3    O  N N 71  
DG  P      P  N N 72  
DG  OP1    O  N N 73  
DG  OP2    O  N N 74  
DG  "O5'"  O  N N 75  
DG  "C5'"  C  N N 76  
DG  "C4'"  C  N R 77  
DG  "O4'"  O  N N 78  
DG  "C3'"  C  N S 79  
DG  "O3'"  O  N N 80  
DG  "C2'"  C  N N 81  
DG  "C1'"  C  N R 82  
DG  N9     N  Y N 83  
DG  C8     C  Y N 84  
DG  N7     N  Y N 85  
DG  C5     C  Y N 86  
DG  C6     C  N N 87  
DG  O6     O  N N 88  
DG  N1     N  N N 89  
DG  C2     C  N N 90  
DG  N2     N  N N 91  
DG  N3     N  N N 92  
DG  C4     C  Y N 93  
DG  HOP3   H  N N 94  
DG  HOP2   H  N N 95  
DG  "H5'"  H  N N 96  
DG  "H5''" H  N N 97  
DG  "H4'"  H  N N 98  
DG  "H3'"  H  N N 99  
DG  "HO3'" H  N N 100 
DG  "H2'"  H  N N 101 
DG  "H2''" H  N N 102 
DG  "H1'"  H  N N 103 
DG  H8     H  N N 104 
DG  H1     H  N N 105 
DG  H21    H  N N 106 
DG  H22    H  N N 107 
DT  OP3    O  N N 108 
DT  P      P  N N 109 
DT  OP1    O  N N 110 
DT  OP2    O  N N 111 
DT  "O5'"  O  N N 112 
DT  "C5'"  C  N N 113 
DT  "C4'"  C  N R 114 
DT  "O4'"  O  N N 115 
DT  "C3'"  C  N S 116 
DT  "O3'"  O  N N 117 
DT  "C2'"  C  N N 118 
DT  "C1'"  C  N R 119 
DT  N1     N  N N 120 
DT  C2     C  N N 121 
DT  O2     O  N N 122 
DT  N3     N  N N 123 
DT  C4     C  N N 124 
DT  O4     O  N N 125 
DT  C5     C  N N 126 
DT  C7     C  N N 127 
DT  C6     C  N N 128 
DT  HOP3   H  N N 129 
DT  HOP2   H  N N 130 
DT  "H5'"  H  N N 131 
DT  "H5''" H  N N 132 
DT  "H4'"  H  N N 133 
DT  "H3'"  H  N N 134 
DT  "HO3'" H  N N 135 
DT  "H2'"  H  N N 136 
DT  "H2''" H  N N 137 
DT  "H1'"  H  N N 138 
DT  H3     H  N N 139 
DT  H71    H  N N 140 
DT  H72    H  N N 141 
DT  H73    H  N N 142 
DT  H6     H  N N 143 
G   OP3    O  N N 144 
G   P      P  N N 145 
G   OP1    O  N N 146 
G   OP2    O  N N 147 
G   "O5'"  O  N N 148 
G   "C5'"  C  N N 149 
G   "C4'"  C  N R 150 
G   "O4'"  O  N N 151 
G   "C3'"  C  N S 152 
G   "O3'"  O  N N 153 
G   "C2'"  C  N R 154 
G   "O2'"  O  N N 155 
G   "C1'"  C  N R 156 
G   N9     N  Y N 157 
G   C8     C  Y N 158 
G   N7     N  Y N 159 
G   C5     C  Y N 160 
G   C6     C  N N 161 
G   O6     O  N N 162 
G   N1     N  N N 163 
G   C2     C  N N 164 
G   N2     N  N N 165 
G   N3     N  N N 166 
G   C4     C  Y N 167 
G   HOP3   H  N N 168 
G   HOP2   H  N N 169 
G   "H5'"  H  N N 170 
G   "H5''" H  N N 171 
G   "H4'"  H  N N 172 
G   "H3'"  H  N N 173 
G   "HO3'" H  N N 174 
G   "H2'"  H  N N 175 
G   "HO2'" H  N N 176 
G   "H1'"  H  N N 177 
G   H8     H  N N 178 
G   H1     H  N N 179 
G   H21    H  N N 180 
G   H22    H  N N 181 
HOH O      O  N N 182 
HOH H1     H  N N 183 
HOH H2     H  N N 184 
MG  MG     MG N N 185 
# 
loop_
_chem_comp_bond.comp_id 
_chem_comp_bond.atom_id_1 
_chem_comp_bond.atom_id_2 
_chem_comp_bond.value_order 
_chem_comp_bond.pdbx_aromatic_flag 
_chem_comp_bond.pdbx_stereo_config 
_chem_comp_bond.pdbx_ordinal 
DA  OP3   P      sing N N 1   
DA  OP3   HOP3   sing N N 2   
DA  P     OP1    doub N N 3   
DA  P     OP2    sing N N 4   
DA  P     "O5'"  sing N N 5   
DA  OP2   HOP2   sing N N 6   
DA  "O5'" "C5'"  sing N N 7   
DA  "C5'" "C4'"  sing N N 8   
DA  "C5'" "H5'"  sing N N 9   
DA  "C5'" "H5''" sing N N 10  
DA  "C4'" "O4'"  sing N N 11  
DA  "C4'" "C3'"  sing N N 12  
DA  "C4'" "H4'"  sing N N 13  
DA  "O4'" "C1'"  sing N N 14  
DA  "C3'" "O3'"  sing N N 15  
DA  "C3'" "C2'"  sing N N 16  
DA  "C3'" "H3'"  sing N N 17  
DA  "O3'" "HO3'" sing N N 18  
DA  "C2'" "C1'"  sing N N 19  
DA  "C2'" "H2'"  sing N N 20  
DA  "C2'" "H2''" sing N N 21  
DA  "C1'" N9     sing N N 22  
DA  "C1'" "H1'"  sing N N 23  
DA  N9    C8     sing Y N 24  
DA  N9    C4     sing Y N 25  
DA  C8    N7     doub Y N 26  
DA  C8    H8     sing N N 27  
DA  N7    C5     sing Y N 28  
DA  C5    C6     sing Y N 29  
DA  C5    C4     doub Y N 30  
DA  C6    N6     sing N N 31  
DA  C6    N1     doub Y N 32  
DA  N6    H61    sing N N 33  
DA  N6    H62    sing N N 34  
DA  N1    C2     sing Y N 35  
DA  C2    N3     doub Y N 36  
DA  C2    H2     sing N N 37  
DA  N3    C4     sing Y N 38  
DC  OP3   P      sing N N 39  
DC  OP3   HOP3   sing N N 40  
DC  P     OP1    doub N N 41  
DC  P     OP2    sing N N 42  
DC  P     "O5'"  sing N N 43  
DC  OP2   HOP2   sing N N 44  
DC  "O5'" "C5'"  sing N N 45  
DC  "C5'" "C4'"  sing N N 46  
DC  "C5'" "H5'"  sing N N 47  
DC  "C5'" "H5''" sing N N 48  
DC  "C4'" "O4'"  sing N N 49  
DC  "C4'" "C3'"  sing N N 50  
DC  "C4'" "H4'"  sing N N 51  
DC  "O4'" "C1'"  sing N N 52  
DC  "C3'" "O3'"  sing N N 53  
DC  "C3'" "C2'"  sing N N 54  
DC  "C3'" "H3'"  sing N N 55  
DC  "O3'" "HO3'" sing N N 56  
DC  "C2'" "C1'"  sing N N 57  
DC  "C2'" "H2'"  sing N N 58  
DC  "C2'" "H2''" sing N N 59  
DC  "C1'" N1     sing N N 60  
DC  "C1'" "H1'"  sing N N 61  
DC  N1    C2     sing N N 62  
DC  N1    C6     sing N N 63  
DC  C2    O2     doub N N 64  
DC  C2    N3     sing N N 65  
DC  N3    C4     doub N N 66  
DC  C4    N4     sing N N 67  
DC  C4    C5     sing N N 68  
DC  N4    H41    sing N N 69  
DC  N4    H42    sing N N 70  
DC  C5    C6     doub N N 71  
DC  C5    H5     sing N N 72  
DC  C6    H6     sing N N 73  
DG  OP3   P      sing N N 74  
DG  OP3   HOP3   sing N N 75  
DG  P     OP1    doub N N 76  
DG  P     OP2    sing N N 77  
DG  P     "O5'"  sing N N 78  
DG  OP2   HOP2   sing N N 79  
DG  "O5'" "C5'"  sing N N 80  
DG  "C5'" "C4'"  sing N N 81  
DG  "C5'" "H5'"  sing N N 82  
DG  "C5'" "H5''" sing N N 83  
DG  "C4'" "O4'"  sing N N 84  
DG  "C4'" "C3'"  sing N N 85  
DG  "C4'" "H4'"  sing N N 86  
DG  "O4'" "C1'"  sing N N 87  
DG  "C3'" "O3'"  sing N N 88  
DG  "C3'" "C2'"  sing N N 89  
DG  "C3'" "H3'"  sing N N 90  
DG  "O3'" "HO3'" sing N N 91  
DG  "C2'" "C1'"  sing N N 92  
DG  "C2'" "H2'"  sing N N 93  
DG  "C2'" "H2''" sing N N 94  
DG  "C1'" N9     sing N N 95  
DG  "C1'" "H1'"  sing N N 96  
DG  N9    C8     sing Y N 97  
DG  N9    C4     sing Y N 98  
DG  C8    N7     doub Y N 99  
DG  C8    H8     sing N N 100 
DG  N7    C5     sing Y N 101 
DG  C5    C6     sing N N 102 
DG  C5    C4     doub Y N 103 
DG  C6    O6     doub N N 104 
DG  C6    N1     sing N N 105 
DG  N1    C2     sing N N 106 
DG  N1    H1     sing N N 107 
DG  C2    N2     sing N N 108 
DG  C2    N3     doub N N 109 
DG  N2    H21    sing N N 110 
DG  N2    H22    sing N N 111 
DG  N3    C4     sing N N 112 
DT  OP3   P      sing N N 113 
DT  OP3   HOP3   sing N N 114 
DT  P     OP1    doub N N 115 
DT  P     OP2    sing N N 116 
DT  P     "O5'"  sing N N 117 
DT  OP2   HOP2   sing N N 118 
DT  "O5'" "C5'"  sing N N 119 
DT  "C5'" "C4'"  sing N N 120 
DT  "C5'" "H5'"  sing N N 121 
DT  "C5'" "H5''" sing N N 122 
DT  "C4'" "O4'"  sing N N 123 
DT  "C4'" "C3'"  sing N N 124 
DT  "C4'" "H4'"  sing N N 125 
DT  "O4'" "C1'"  sing N N 126 
DT  "C3'" "O3'"  sing N N 127 
DT  "C3'" "C2'"  sing N N 128 
DT  "C3'" "H3'"  sing N N 129 
DT  "O3'" "HO3'" sing N N 130 
DT  "C2'" "C1'"  sing N N 131 
DT  "C2'" "H2'"  sing N N 132 
DT  "C2'" "H2''" sing N N 133 
DT  "C1'" N1     sing N N 134 
DT  "C1'" "H1'"  sing N N 135 
DT  N1    C2     sing N N 136 
DT  N1    C6     sing N N 137 
DT  C2    O2     doub N N 138 
DT  C2    N3     sing N N 139 
DT  N3    C4     sing N N 140 
DT  N3    H3     sing N N 141 
DT  C4    O4     doub N N 142 
DT  C4    C5     sing N N 143 
DT  C5    C7     sing N N 144 
DT  C5    C6     doub N N 145 
DT  C7    H71    sing N N 146 
DT  C7    H72    sing N N 147 
DT  C7    H73    sing N N 148 
DT  C6    H6     sing N N 149 
G   OP3   P      sing N N 150 
G   OP3   HOP3   sing N N 151 
G   P     OP1    doub N N 152 
G   P     OP2    sing N N 153 
G   P     "O5'"  sing N N 154 
G   OP2   HOP2   sing N N 155 
G   "O5'" "C5'"  sing N N 156 
G   "C5'" "C4'"  sing N N 157 
G   "C5'" "H5'"  sing N N 158 
G   "C5'" "H5''" sing N N 159 
G   "C4'" "O4'"  sing N N 160 
G   "C4'" "C3'"  sing N N 161 
G   "C4'" "H4'"  sing N N 162 
G   "O4'" "C1'"  sing N N 163 
G   "C3'" "O3'"  sing N N 164 
G   "C3'" "C2'"  sing N N 165 
G   "C3'" "H3'"  sing N N 166 
G   "O3'" "HO3'" sing N N 167 
G   "C2'" "O2'"  sing N N 168 
G   "C2'" "C1'"  sing N N 169 
G   "C2'" "H2'"  sing N N 170 
G   "O2'" "HO2'" sing N N 171 
G   "C1'" N9     sing N N 172 
G   "C1'" "H1'"  sing N N 173 
G   N9    C8     sing Y N 174 
G   N9    C4     sing Y N 175 
G   C8    N7     doub Y N 176 
G   C8    H8     sing N N 177 
G   N7    C5     sing Y N 178 
G   C5    C6     sing N N 179 
G   C5    C4     doub Y N 180 
G   C6    O6     doub N N 181 
G   C6    N1     sing N N 182 
G   N1    C2     sing N N 183 
G   N1    H1     sing N N 184 
G   C2    N2     sing N N 185 
G   C2    N3     doub N N 186 
G   N2    H21    sing N N 187 
G   N2    H22    sing N N 188 
G   N3    C4     sing N N 189 
HOH O     H1     sing N N 190 
HOH O     H2     sing N N 191 
# 
_ndb_struct_conf_na.entry_id   1DNX 
_ndb_struct_conf_na.feature    'a-form double helix' 
# 
loop_
_ndb_struct_na_base_pair.model_number 
_ndb_struct_na_base_pair.i_label_asym_id 
_ndb_struct_na_base_pair.i_label_comp_id 
_ndb_struct_na_base_pair.i_label_seq_id 
_ndb_struct_na_base_pair.i_symmetry 
_ndb_struct_na_base_pair.j_label_asym_id 
_ndb_struct_na_base_pair.j_label_comp_id 
_ndb_struct_na_base_pair.j_label_seq_id 
_ndb_struct_na_base_pair.j_symmetry 
_ndb_struct_na_base_pair.shear 
_ndb_struct_na_base_pair.stretch 
_ndb_struct_na_base_pair.stagger 
_ndb_struct_na_base_pair.buckle 
_ndb_struct_na_base_pair.propeller 
_ndb_struct_na_base_pair.opening 
_ndb_struct_na_base_pair.pair_number 
_ndb_struct_na_base_pair.pair_name 
_ndb_struct_na_base_pair.i_auth_asym_id 
_ndb_struct_na_base_pair.i_auth_seq_id 
_ndb_struct_na_base_pair.i_PDB_ins_code 
_ndb_struct_na_base_pair.j_auth_asym_id 
_ndb_struct_na_base_pair.j_auth_seq_id 
_ndb_struct_na_base_pair.j_PDB_ins_code 
_ndb_struct_na_base_pair.hbond_type_28 
_ndb_struct_na_base_pair.hbond_type_12 
1 A G  1  1_555 B DC 10 1_555 -0.341 -0.164 0.053  -0.263  -5.229  -0.151 1  A_G1:DC20_B  A 1  ? B 20 ? 19 1 
1 A DC 2  1_555 B DG 9  1_555 0.055  -0.142 0.429  -3.504  -9.527  -1.431 2  A_DC2:DG19_B A 2  ? B 19 ? 19 1 
1 A DG 3  1_555 B DC 8  1_555 -0.443 -0.061 0.058  -13.008 -11.739 1.384  3  A_DG3:DC18_B A 3  ? B 18 ? 19 1 
1 A DT 4  1_555 B DA 7  1_555 0.042  -0.097 0.155  -10.146 -15.752 1.034  4  A_DT4:DA17_B A 4  ? B 17 ? 20 1 
1 A DA 5  1_555 B DT 6  1_555 -0.036 -0.131 0.325  -3.533  -8.591  4.023  5  A_DA5:DT16_B A 5  ? B 16 ? 20 1 
1 A DT 6  1_555 B DA 5  1_555 -0.063 -0.112 0.181  4.820   -11.591 1.825  6  A_DT6:DA15_B A 6  ? B 15 ? 20 1 
1 A DA 7  1_555 B DT 4  1_555 0.116  -0.158 0.063  -2.544  -21.893 0.819  7  A_DA7:DT14_B A 7  ? B 14 ? 20 1 
1 A DC 8  1_555 B DG 3  1_555 0.213  -0.195 -0.044 -0.405  -10.328 0.883  8  A_DC8:DG13_B A 8  ? B 13 ? 19 1 
1 A DG 9  1_555 B DC 2  1_555 -0.159 -0.068 0.171  -2.121  -9.099  1.258  9  A_DG9:DC12_B A 9  ? B 12 ? 19 1 
1 A DC 10 1_555 B G  1  1_555 0.111  -0.067 0.027  6.606   5.101   -4.278 10 A_DC10:G11_B A 10 ? B 11 ? 19 1 
# 
loop_
_ndb_struct_na_base_pair_step.model_number 
_ndb_struct_na_base_pair_step.i_label_asym_id_1 
_ndb_struct_na_base_pair_step.i_label_comp_id_1 
_ndb_struct_na_base_pair_step.i_label_seq_id_1 
_ndb_struct_na_base_pair_step.i_symmetry_1 
_ndb_struct_na_base_pair_step.j_label_asym_id_1 
_ndb_struct_na_base_pair_step.j_label_comp_id_1 
_ndb_struct_na_base_pair_step.j_label_seq_id_1 
_ndb_struct_na_base_pair_step.j_symmetry_1 
_ndb_struct_na_base_pair_step.i_label_asym_id_2 
_ndb_struct_na_base_pair_step.i_label_comp_id_2 
_ndb_struct_na_base_pair_step.i_label_seq_id_2 
_ndb_struct_na_base_pair_step.i_symmetry_2 
_ndb_struct_na_base_pair_step.j_label_asym_id_2 
_ndb_struct_na_base_pair_step.j_label_comp_id_2 
_ndb_struct_na_base_pair_step.j_label_seq_id_2 
_ndb_struct_na_base_pair_step.j_symmetry_2 
_ndb_struct_na_base_pair_step.shift 
_ndb_struct_na_base_pair_step.slide 
_ndb_struct_na_base_pair_step.rise 
_ndb_struct_na_base_pair_step.tilt 
_ndb_struct_na_base_pair_step.roll 
_ndb_struct_na_base_pair_step.twist 
_ndb_struct_na_base_pair_step.x_displacement 
_ndb_struct_na_base_pair_step.y_displacement 
_ndb_struct_na_base_pair_step.helical_rise 
_ndb_struct_na_base_pair_step.inclination 
_ndb_struct_na_base_pair_step.tip 
_ndb_struct_na_base_pair_step.helical_twist 
_ndb_struct_na_base_pair_step.step_number 
_ndb_struct_na_base_pair_step.step_name 
_ndb_struct_na_base_pair_step.i_auth_asym_id_1 
_ndb_struct_na_base_pair_step.i_auth_seq_id_1 
_ndb_struct_na_base_pair_step.i_PDB_ins_code_1 
_ndb_struct_na_base_pair_step.j_auth_asym_id_1 
_ndb_struct_na_base_pair_step.j_auth_seq_id_1 
_ndb_struct_na_base_pair_step.j_PDB_ins_code_1 
_ndb_struct_na_base_pair_step.i_auth_asym_id_2 
_ndb_struct_na_base_pair_step.i_auth_seq_id_2 
_ndb_struct_na_base_pair_step.i_PDB_ins_code_2 
_ndb_struct_na_base_pair_step.j_auth_asym_id_2 
_ndb_struct_na_base_pair_step.j_auth_seq_id_2 
_ndb_struct_na_base_pair_step.j_PDB_ins_code_2 
1 A G  1 1_555 B DC 10 1_555 A DC 2  1_555 B DG 9 1_555 0.417  -1.583 3.277 0.248  0.611  39.261 -2.428 -0.592 3.256 0.909  -0.370 
39.267 1 AA_G1DC2:DG19DC20_BB  A 1 ? B 20 ? A 2  ? B 19 ? 
1 A DC 2 1_555 B DG 9  1_555 A DG 3  1_555 B DC 8 1_555 0.503  -2.303 3.356 6.127  6.956  25.295 -6.647 0.416  2.684 15.246 
-13.430 26.914 2 AA_DC2DG3:DC18DG19_BB A 2 ? B 19 ? A 3  ? B 18 ? 
1 A DG 3 1_555 B DC 8  1_555 A DT 4  1_555 B DA 7 1_555 -1.009 -1.181 3.266 -3.683 6.025  36.775 -2.621 1.096  3.124 9.443  5.773 
37.424 3 AA_DG3DT4:DA17DC18_BB A 3 ? B 18 ? A 4  ? B 17 ? 
1 A DT 4 1_555 B DA 7  1_555 A DA 5  1_555 B DT 6 1_555 1.476  -1.212 3.012 1.193  20.777 26.578 -4.852 -2.393 1.709 38.558 -2.214 
33.641 4 AA_DT4DA5:DT16DA17_BB A 4 ? B 17 ? A 5  ? B 16 ? 
1 A DA 5 1_555 B DT 6  1_555 A DT 6  1_555 B DA 5 1_555 -0.255 -1.190 3.208 1.282  7.173  31.419 -3.344 0.674  2.862 13.027 -2.327 
32.232 5 AA_DA5DT6:DA15DT16_BB A 5 ? B 16 ? A 6  ? B 15 ? 
1 A DT 6 1_555 B DA 5  1_555 A DA 7  1_555 B DT 4 1_555 0.527  -1.401 3.148 3.478  15.540 32.624 -4.179 -0.418 2.310 25.835 -5.782 
36.208 6 AA_DT6DA7:DT14DA15_BB A 6 ? B 15 ? A 7  ? B 14 ? 
1 A DA 7 1_555 B DT 4  1_555 A DC 8  1_555 B DG 3 1_555 1.111  -1.868 3.112 5.685  6.377  33.013 -4.129 -1.056 2.859 10.993 -9.802 
34.071 7 AA_DA7DC8:DG13DT14_BB A 7 ? B 14 ? A 8  ? B 13 ? 
1 A DC 8 1_555 B DG 3  1_555 A DG 9  1_555 B DC 2 1_555 -0.425 -1.940 3.285 -1.277 6.720  24.573 -6.184 0.623  2.685 15.411 2.928 
25.493 8 AA_DC8DG9:DC12DG13_BB A 8 ? B 13 ? A 9  ? B 12 ? 
1 A DG 9 1_555 B DC 2  1_555 A DC 10 1_555 B G  1 1_555 -0.240 -1.192 3.173 -1.073 0.266  36.683 -1.929 0.239  3.171 0.422  1.705 
36.699 9 AA_DG9DC10:G11DC12_BB A 9 ? B 12 ? A 10 ? B 11 ? 
# 
_atom_sites.entry_id                    1DNX 
_atom_sites.fract_transf_matrix[1][1]   -0.03808791 
_atom_sites.fract_transf_matrix[1][2]   0.00196288 
_atom_sites.fract_transf_matrix[1][3]   0.00188487 
_atom_sites.fract_transf_matrix[2][1]   0.00147254 
_atom_sites.fract_transf_matrix[2][2]   0.02310366 
_atom_sites.fract_transf_matrix[2][3]   0.00569612 
_atom_sites.fract_transf_matrix[3][1]   -0.00082064 
_atom_sites.fract_transf_matrix[3][2]   0.00557113 
_atom_sites.fract_transf_matrix[3][3]   -0.02238454 
_atom_sites.fract_transf_vector[1]      0.639768 
_atom_sites.fract_transf_vector[2]      0.527238 
_atom_sites.fract_transf_vector[3]      0.218720 
# 
loop_
_atom_type.symbol 
C  
MG 
N  
O  
P  
# 
loop_
_atom_site.group_PDB 
_atom_site.id 
_atom_site.type_symbol 
_atom_site.label_atom_id 
_atom_site.label_alt_id 
_atom_site.label_comp_id 
_atom_site.label_asym_id 
_atom_site.label_entity_id 
_atom_site.label_seq_id 
_atom_site.pdbx_PDB_ins_code 
_atom_site.Cartn_x 
_atom_site.Cartn_y 
_atom_site.Cartn_z 
_atom_site.occupancy 
_atom_site.B_iso_or_equiv 
_atom_site.pdbx_formal_charge 
_atom_site.auth_seq_id 
_atom_site.auth_comp_id 
_atom_site.auth_asym_id 
_atom_site.auth_atom_id 
_atom_site.pdbx_PDB_model_num 
ATOM   1   O  "O5'" . G   A 1 1  ? 5.127   -6.003  -7.366  1.00 28.07 ? 1   G   A "O5'" 1 
ATOM   2   C  "C5'" . G   A 1 1  ? 4.738   -6.673  -8.583  1.00 15.81 ? 1   G   A "C5'" 1 
ATOM   3   C  "C4'" . G   A 1 1  ? 4.240   -8.063  -8.212  1.00 23.33 ? 1   G   A "C4'" 1 
ATOM   4   O  "O4'" . G   A 1 1  ? 5.291   -8.877  -7.637  1.00 14.68 ? 1   G   A "O4'" 1 
ATOM   5   C  "C3'" . G   A 1 1  ? 3.212   -8.007  -7.064  1.00 16.20 ? 1   G   A "C3'" 1 
ATOM   6   O  "O3'" . G   A 1 1  ? 1.942   -7.757  -7.668  1.00 14.83 ? 1   G   A "O3'" 1 
ATOM   7   C  "C2'" . G   A 1 1  ? 3.257   -9.460  -6.605  1.00 12.84 ? 1   G   A "C2'" 1 
ATOM   8   O  "O2'" . G   A 1 1  ? 2.571   -10.310 -7.505  1.00 17.95 ? 1   G   A "O2'" 1 
ATOM   9   C  "C1'" . G   A 1 1  ? 4.762   -9.705  -6.619  1.00 10.51 ? 1   G   A "C1'" 1 
ATOM   10  N  N9    . G   A 1 1  ? 5.404   -9.280  -5.377  1.00 14.70 ? 1   G   A N9    1 
ATOM   11  C  C8    . G   A 1 1  ? 6.290   -8.234  -5.243  1.00 18.46 ? 1   G   A C8    1 
ATOM   12  N  N7    . G   A 1 1  ? 6.755   -8.127  -4.029  1.00 15.73 ? 1   G   A N7    1 
ATOM   13  C  C5    . G   A 1 1  ? 6.045   -9.069  -3.298  1.00 15.58 ? 1   G   A C5    1 
ATOM   14  C  C6    . G   A 1 1  ? 6.156   -9.464  -1.937  1.00 19.65 ? 1   G   A C6    1 
ATOM   15  O  O6    . G   A 1 1  ? 6.900   -9.027  -1.053  1.00 14.89 ? 1   G   A O6    1 
ATOM   16  N  N1    . G   A 1 1  ? 5.273   -10.496 -1.609  1.00 13.99 ? 1   G   A N1    1 
ATOM   17  C  C2    . G   A 1 1  ? 4.416   -11.105 -2.487  1.00 18.28 ? 1   G   A C2    1 
ATOM   18  N  N2    . G   A 1 1  ? 3.628   -12.084 -1.984  1.00 16.66 ? 1   G   A N2    1 
ATOM   19  N  N3    . G   A 1 1  ? 4.347   -10.782 -3.772  1.00 12.15 ? 1   G   A N3    1 
ATOM   20  C  C4    . G   A 1 1  ? 5.203   -9.799  -4.118  1.00 17.93 ? 1   G   A C4    1 
ATOM   21  P  P     . DC  A 1 2  ? 0.874   -6.796  -6.963  1.00 19.40 ? 2   DC  A P     1 
ATOM   22  O  OP1   . DC  A 1 2  ? -0.229  -6.597  -7.941  1.00 16.01 ? 2   DC  A OP1   1 
ATOM   23  O  OP2   . DC  A 1 2  ? 1.591   -5.615  -6.414  1.00 23.79 ? 2   DC  A OP2   1 
ATOM   24  O  "O5'" . DC  A 1 2  ? 0.299   -7.619  -5.736  1.00 16.64 ? 2   DC  A "O5'" 1 
ATOM   25  C  "C5'" . DC  A 1 2  ? -0.566  -8.753  -6.001  1.00 18.72 ? 2   DC  A "C5'" 1 
ATOM   26  C  "C4'" . DC  A 1 2  ? -0.681  -9.525  -4.698  1.00 19.46 ? 2   DC  A "C4'" 1 
ATOM   27  O  "O4'" . DC  A 1 2  ? 0.622   -9.843  -4.167  1.00 12.26 ? 2   DC  A "O4'" 1 
ATOM   28  C  "C3'" . DC  A 1 2  ? -1.353  -8.662  -3.605  1.00 10.78 ? 2   DC  A "C3'" 1 
ATOM   29  O  "O3'" . DC  A 1 2  ? -2.756  -9.010  -3.750  1.00 16.71 ? 2   DC  A "O3'" 1 
ATOM   30  C  "C2'" . DC  A 1 2  ? -0.795  -9.288  -2.338  1.00 18.32 ? 2   DC  A "C2'" 1 
ATOM   31  C  "C1'" . DC  A 1 2  ? 0.564   -9.823  -2.750  1.00 9.23  ? 2   DC  A "C1'" 1 
ATOM   32  N  N1    . DC  A 1 2  ? 1.721   -9.020  -2.322  1.00 13.15 ? 2   DC  A N1    1 
ATOM   33  C  C2    . DC  A 1 2  ? 2.056   -9.082  -0.967  1.00 18.64 ? 2   DC  A C2    1 
ATOM   34  O  O2    . DC  A 1 2  ? 1.491   -9.969  -0.285  1.00 14.34 ? 2   DC  A O2    1 
ATOM   35  N  N3    . DC  A 1 2  ? 2.962   -8.201  -0.486  1.00 21.66 ? 2   DC  A N3    1 
ATOM   36  C  C4    . DC  A 1 2  ? 3.486   -7.278  -1.301  1.00 13.61 ? 2   DC  A C4    1 
ATOM   37  N  N4    . DC  A 1 2  ? 4.386   -6.448  -0.774  1.00 27.67 ? 2   DC  A N4    1 
ATOM   38  C  C5    . DC  A 1 2  ? 3.180   -7.206  -2.703  1.00 11.51 ? 2   DC  A C5    1 
ATOM   39  C  C6    . DC  A 1 2  ? 2.252   -8.072  -3.158  1.00 18.21 ? 2   DC  A C6    1 
ATOM   40  P  P     . DG  A 1 3  ? -3.828  -8.237  -2.848  1.00 23.47 ? 3   DG  A P     1 
ATOM   41  O  OP1   . DG  A 1 3  ? -5.179  -8.776  -3.171  1.00 26.28 ? 3   DG  A OP1   1 
ATOM   42  O  OP2   . DG  A 1 3  ? -3.586  -6.783  -2.905  1.00 19.14 ? 3   DG  A OP2   1 
ATOM   43  O  "O5'" . DG  A 1 3  ? -3.415  -8.737  -1.382  1.00 20.11 ? 3   DG  A "O5'" 1 
ATOM   44  C  "C5'" . DG  A 1 3  ? -3.402  -7.731  -0.335  1.00 22.37 ? 3   DG  A "C5'" 1 
ATOM   45  C  "C4'" . DG  A 1 3  ? -2.880  -8.413  0.910   1.00 20.95 ? 3   DG  A "C4'" 1 
ATOM   46  O  "O4'" . DG  A 1 3  ? -1.461  -8.602  0.771   1.00 17.24 ? 3   DG  A "O4'" 1 
ATOM   47  C  "C3'" . DG  A 1 3  ? -3.042  -7.538  2.160   1.00 13.67 ? 3   DG  A "C3'" 1 
ATOM   48  O  "O3'" . DG  A 1 3  ? -4.285  -7.932  2.777   1.00 16.68 ? 3   DG  A "O3'" 1 
ATOM   49  C  "C2'" . DG  A 1 3  ? -1.873  -7.975  3.022   1.00 21.55 ? 3   DG  A "C2'" 1 
ATOM   50  C  "C1'" . DG  A 1 3  ? -0.797  -8.314  1.999   1.00 22.43 ? 3   DG  A "C1'" 1 
ATOM   51  N  N9    . DG  A 1 3  ? 0.148   -7.225  1.770   1.00 13.57 ? 3   DG  A N9    1 
ATOM   52  C  C8    . DG  A 1 3  ? 0.388   -6.523  0.622   1.00 13.69 ? 3   DG  A C8    1 
ATOM   53  N  N7    . DG  A 1 3  ? 1.272   -5.575  0.788   1.00 13.83 ? 3   DG  A N7    1 
ATOM   54  C  C5    . DG  A 1 3  ? 1.647   -5.673  2.120   1.00 13.87 ? 3   DG  A C5    1 
ATOM   55  C  C6    . DG  A 1 3  ? 2.711   -5.052  2.828   1.00 12.29 ? 3   DG  A C6    1 
ATOM   56  O  O6    . DG  A 1 3  ? 3.509   -4.179  2.454   1.00 11.28 ? 3   DG  A O6    1 
ATOM   57  N  N1    . DG  A 1 3  ? 2.753   -5.471  4.148   1.00 12.63 ? 3   DG  A N1    1 
ATOM   58  C  C2    . DG  A 1 3  ? 1.938   -6.419  4.697   1.00 14.15 ? 3   DG  A C2    1 
ATOM   59  N  N2    . DG  A 1 3  ? 2.162   -6.666  5.995   1.00 13.44 ? 3   DG  A N2    1 
ATOM   60  N  N3    . DG  A 1 3  ? 0.931   -7.001  4.058   1.00 14.41 ? 3   DG  A N3    1 
ATOM   61  C  C4    . DG  A 1 3  ? 0.896   -6.636  2.762   1.00 13.94 ? 3   DG  A C4    1 
ATOM   62  P  P     . DT  A 1 4  ? -5.054  -6.853  3.651   1.00 15.99 ? 4   DT  A P     1 
ATOM   63  O  OP1   . DT  A 1 4  ? -6.378  -7.418  4.039   1.00 17.21 ? 4   DT  A OP1   1 
ATOM   64  O  OP2   . DT  A 1 4  ? -5.025  -5.522  3.000   1.00 19.36 ? 4   DT  A OP2   1 
ATOM   65  O  "O5'" . DT  A 1 4  ? -4.237  -6.711  5.012   1.00 14.60 ? 4   DT  A "O5'" 1 
ATOM   66  C  "C5'" . DT  A 1 4  ? -4.125  -7.811  5.933   1.00 14.34 ? 4   DT  A "C5'" 1 
ATOM   67  C  "C4'" . DT  A 1 4  ? -3.483  -7.282  7.210   1.00 12.54 ? 4   DT  A "C4'" 1 
ATOM   68  O  "O4'" . DT  A 1 4  ? -2.059  -7.116  6.949   1.00 12.19 ? 4   DT  A "O4'" 1 
ATOM   69  C  "C3'" . DT  A 1 4  ? -3.944  -5.875  7.610   1.00 14.28 ? 4   DT  A "C3'" 1 
ATOM   70  O  "O3'" . DT  A 1 4  ? -4.997  -5.982  8.574   1.00 12.90 ? 4   DT  A "O3'" 1 
ATOM   71  C  "C2'" . DT  A 1 4  ? -2.736  -5.292  8.318   1.00 15.70 ? 4   DT  A "C2'" 1 
ATOM   72  C  "C1'" . DT  A 1 4  ? -1.585  -5.933  7.576   1.00 14.39 ? 4   DT  A "C1'" 1 
ATOM   73  N  N1    . DT  A 1 4  ? -1.076  -5.015  6.524   1.00 17.61 ? 4   DT  A N1    1 
ATOM   74  C  C2    . DT  A 1 4  ? 0.002   -4.259  6.892   1.00 17.09 ? 4   DT  A C2    1 
ATOM   75  O  O2    . DT  A 1 4  ? 0.429   -4.273  8.033   1.00 16.10 ? 4   DT  A O2    1 
ATOM   76  N  N3    . DT  A 1 4  ? 0.494   -3.433  5.929   1.00 13.46 ? 4   DT  A N3    1 
ATOM   77  C  C4    . DT  A 1 4  ? 0.052   -3.385  4.616   1.00 12.23 ? 4   DT  A C4    1 
ATOM   78  O  O4    . DT  A 1 4  ? 0.774   -2.830  3.784   1.00 17.03 ? 4   DT  A O4    1 
ATOM   79  C  C5    . DT  A 1 4  ? -1.050  -4.251  4.289   1.00 16.75 ? 4   DT  A C5    1 
ATOM   80  C  C7    . DT  A 1 4  ? -1.574  -4.252  2.883   1.00 12.75 ? 4   DT  A C7    1 
ATOM   81  C  C6    . DT  A 1 4  ? -1.552  -5.060  5.236   1.00 20.11 ? 4   DT  A C6    1 
ATOM   82  P  P     . DA  A 1 5  ? -6.223  -4.945  8.480   1.00 13.78 ? 5   DA  A P     1 
ATOM   83  O  OP1   . DA  A 1 5  ? -7.265  -5.532  9.344   1.00 10.60 ? 5   DA  A OP1   1 
ATOM   84  O  OP2   . DA  A 1 5  ? -6.479  -4.700  7.028   1.00 16.43 ? 5   DA  A OP2   1 
ATOM   85  O  "O5'" . DA  A 1 5  ? -5.604  -3.597  9.029   1.00 16.54 ? 5   DA  A "O5'" 1 
ATOM   86  C  "C5'" . DA  A 1 5  ? -5.522  -2.378  8.246   1.00 12.32 ? 5   DA  A "C5'" 1 
ATOM   87  C  "C4'" . DA  A 1 5  ? -4.503  -1.444  8.868   1.00 16.89 ? 5   DA  A "C4'" 1 
ATOM   88  O  "O4'" . DA  A 1 5  ? -3.154  -1.822  8.508   1.00 13.29 ? 5   DA  A "O4'" 1 
ATOM   89  C  "C3'" . DA  A 1 5  ? -4.604  0.018   8.418   1.00 11.92 ? 5   DA  A "C3'" 1 
ATOM   90  O  "O3'" . DA  A 1 5  ? -5.509  0.683   9.308   1.00 14.71 ? 5   DA  A "O3'" 1 
ATOM   91  C  "C2'" . DA  A 1 5  ? -3.196  0.533   8.686   1.00 13.42 ? 5   DA  A "C2'" 1 
ATOM   92  C  "C1'" . DA  A 1 5  ? -2.334  -0.673  8.356   1.00 13.78 ? 5   DA  A "C1'" 1 
ATOM   93  N  N9    . DA  A 1 5  ? -1.843  -0.662  6.973   1.00 17.28 ? 5   DA  A N9    1 
ATOM   94  C  C8    . DA  A 1 5  ? -2.398  -1.304  5.896   1.00 14.31 ? 5   DA  A C8    1 
ATOM   95  N  N7    . DA  A 1 5  ? -1.808  -1.017  4.756   1.00 18.47 ? 5   DA  A N7    1 
ATOM   96  C  C5    . DA  A 1 5  ? -0.760  -0.188  5.136   1.00 15.63 ? 5   DA  A C5    1 
ATOM   97  C  C6    . DA  A 1 5  ? 0.298   0.374   4.384   1.00 13.50 ? 5   DA  A C6    1 
ATOM   98  N  N6    . DA  A 1 5  ? 0.375   0.213   3.058   1.00 12.32 ? 5   DA  A N6    1 
ATOM   99  N  N1    . DA  A 1 5  ? 1.157   1.172   5.038   1.00 13.53 ? 5   DA  A N1    1 
ATOM   100 C  C2    . DA  A 1 5  ? 1.013   1.330   6.366   1.00 12.93 ? 5   DA  A C2    1 
ATOM   101 N  N3    . DA  A 1 5  ? 0.090   0.811   7.184   1.00 23.53 ? 5   DA  A N3    1 
ATOM   102 C  C4    . DA  A 1 5  ? -0.739  -0.007  6.504   1.00 16.58 ? 5   DA  A C4    1 
ATOM   103 P  P     . DT  A 1 6  ? -6.203  2.024   8.813   1.00 16.71 ? 6   DT  A P     1 
ATOM   104 O  OP1   . DT  A 1 6  ? -7.269  2.366   9.813   1.00 17.93 ? 6   DT  A OP1   1 
ATOM   105 O  OP2   . DT  A 1 6  ? -6.639  1.882   7.402   1.00 13.44 ? 6   DT  A OP2   1 
ATOM   106 O  "O5'" . DT  A 1 6  ? -5.064  3.118   8.882   1.00 16.51 ? 6   DT  A "O5'" 1 
ATOM   107 C  "C5'" . DT  A 1 6  ? -4.584  3.713   10.095  1.00 21.07 ? 6   DT  A "C5'" 1 
ATOM   108 C  "C4'" . DT  A 1 6  ? -3.374  4.564   9.828   1.00 18.30 ? 6   DT  A "C4'" 1 
ATOM   109 O  "O4'" . DT  A 1 6  ? -2.306  3.799   9.215   1.00 15.74 ? 6   DT  A "O4'" 1 
ATOM   110 C  "C3'" . DT  A 1 6  ? -3.601  5.697   8.807   1.00 10.63 ? 6   DT  A "C3'" 1 
ATOM   111 O  "O3'" . DT  A 1 6  ? -4.372  6.747   9.413   1.00 14.19 ? 6   DT  A "O3'" 1 
ATOM   112 C  "C2'" . DT  A 1 6  ? -2.133  6.068   8.602   1.00 15.30 ? 6   DT  A "C2'" 1 
ATOM   113 C  "C1'" . DT  A 1 6  ? -1.577  4.661   8.335   1.00 15.22 ? 6   DT  A "C1'" 1 
ATOM   114 N  N1    . DT  A 1 6  ? -1.775  4.229   6.936   1.00 10.54 ? 6   DT  A N1    1 
ATOM   115 C  C2    . DT  A 1 6  ? -0.772  4.543   6.042   1.00 15.30 ? 6   DT  A C2    1 
ATOM   116 O  O2    . DT  A 1 6  ? 0.167   5.268   6.319   1.00 16.78 ? 6   DT  A O2    1 
ATOM   117 N  N3    . DT  A 1 6  ? -0.890  3.995   4.789   1.00 15.89 ? 6   DT  A N3    1 
ATOM   118 C  C4    . DT  A 1 6  ? -1.865  3.119   4.364   1.00 15.41 ? 6   DT  A C4    1 
ATOM   119 O  O4    . DT  A 1 6  ? -1.828  2.648   3.219   1.00 13.31 ? 6   DT  A O4    1 
ATOM   120 C  C5    . DT  A 1 6  ? -2.937  2.933   5.305   1.00 10.34 ? 6   DT  A C5    1 
ATOM   121 C  C7    . DT  A 1 6  ? -4.089  2.044   4.943   1.00 18.30 ? 6   DT  A C7    1 
ATOM   122 C  C6    . DT  A 1 6  ? -2.789  3.386   6.560   1.00 16.55 ? 6   DT  A C6    1 
ATOM   123 P  P     . DA  A 1 7  ? -5.328  7.669   8.554   1.00 28.77 ? 7   DA  A P     1 
ATOM   124 O  OP1   . DA  A 1 7  ? -5.870  8.730   9.449   1.00 40.90 ? 7   DA  A OP1   1 
ATOM   125 O  OP2   . DA  A 1 7  ? -6.260  6.880   7.704   1.00 24.76 ? 7   DA  A OP2   1 
ATOM   126 O  "O5'" . DA  A 1 7  ? -4.361  8.433   7.516   1.00 25.93 ? 7   DA  A "O5'" 1 
ATOM   127 C  "C5'" . DA  A 1 7  ? -3.425  9.414   7.986   1.00 22.05 ? 7   DA  A "C5'" 1 
ATOM   128 C  "C4'" . DA  A 1 7  ? -2.469  9.765   6.887   1.00 16.41 ? 7   DA  A "C4'" 1 
ATOM   129 O  "O4'" . DA  A 1 7  ? -1.683  8.636   6.476   1.00 11.91 ? 7   DA  A "O4'" 1 
ATOM   130 C  "C3'" . DA  A 1 7  ? -3.073  10.307  5.588   1.00 20.21 ? 7   DA  A "C3'" 1 
ATOM   131 O  "O3'" . DA  A 1 7  ? -3.404  11.694  5.820   1.00 18.96 ? 7   DA  A "O3'" 1 
ATOM   132 C  "C2'" . DA  A 1 7  ? -1.876  10.147  4.657   1.00 16.32 ? 7   DA  A "C2'" 1 
ATOM   133 C  "C1'" . DA  A 1 7  ? -1.308  8.804   5.107   1.00 18.05 ? 7   DA  A "C1'" 1 
ATOM   134 N  N9    . DA  A 1 7  ? -1.818  7.678   4.321   1.00 15.26 ? 7   DA  A N9    1 
ATOM   135 C  C8    . DA  A 1 7  ? -2.888  6.849   4.553   1.00 11.74 ? 7   DA  A C8    1 
ATOM   136 N  N7    . DA  A 1 7  ? -3.165  6.024   3.543   1.00 12.43 ? 7   DA  A N7    1 
ATOM   137 C  C5    . DA  A 1 7  ? -2.170  6.304   2.628   1.00 10.02 ? 7   DA  A C5    1 
ATOM   138 C  C6    . DA  A 1 7  ? -1.820  5.687   1.408   1.00 17.71 ? 7   DA  A C6    1 
ATOM   139 N  N6    . DA  A 1 7  ? -2.482  4.633   0.920   1.00 19.36 ? 7   DA  A N6    1 
ATOM   140 N  N1    . DA  A 1 7  ? -0.775  6.193   0.729   1.00 19.80 ? 7   DA  A N1    1 
ATOM   141 C  C2    . DA  A 1 7  ? -0.082  7.200   1.273   1.00 20.73 ? 7   DA  A C2    1 
ATOM   142 N  N3    . DA  A 1 7  ? -0.278  7.814   2.433   1.00 23.01 ? 7   DA  A N3    1 
ATOM   143 C  C4    . DA  A 1 7  ? -1.310  7.282   3.100   1.00 12.88 ? 7   DA  A C4    1 
ATOM   144 P  P     . DC  A 1 8  ? -4.433  12.455  4.845   1.00 22.60 ? 8   DC  A P     1 
ATOM   145 O  OP1   . DC  A 1 8  ? -4.502  13.855  5.327   1.00 20.75 ? 8   DC  A OP1   1 
ATOM   146 O  OP2   . DC  A 1 8  ? -5.694  11.710  4.655   1.00 17.17 ? 8   DC  A OP2   1 
ATOM   147 O  "O5'" . DC  A 1 8  ? -3.594  12.572  3.499   1.00 24.80 ? 8   DC  A "O5'" 1 
ATOM   148 C  "C5'" . DC  A 1 8  ? -4.107  12.128  2.245   1.00 21.49 ? 8   DC  A "C5'" 1 
ATOM   149 C  "C4'" . DC  A 1 8  ? -2.922  12.124  1.270   1.00 19.32 ? 8   DC  A "C4'" 1 
ATOM   150 O  "O4'" . DC  A 1 8  ? -2.255  10.840  1.344   1.00 12.62 ? 8   DC  A "O4'" 1 
ATOM   151 C  "C3'" . DC  A 1 8  ? -3.523  12.119  -0.147  1.00 21.68 ? 8   DC  A "C3'" 1 
ATOM   152 O  "O3'" . DC  A 1 8  ? -3.735  13.458  -0.554  1.00 13.15 ? 8   DC  A "O3'" 1 
ATOM   153 C  "C2'" . DC  A 1 8  ? -2.490  11.345  -0.920  1.00 11.41 ? 8   DC  A "C2'" 1 
ATOM   154 C  "C1'" . DC  A 1 8  ? -2.146  10.240  0.078   1.00 14.43 ? 8   DC  A "C1'" 1 
ATOM   155 N  N1    . DC  A 1 8  ? -3.114  9.123   -0.037  1.00 16.06 ? 8   DC  A N1    1 
ATOM   156 C  C2    . DC  A 1 8  ? -2.868  8.238   -1.096  1.00 14.96 ? 8   DC  A C2    1 
ATOM   157 O  O2    . DC  A 1 8  ? -1.988  8.612   -1.910  1.00 15.67 ? 8   DC  A O2    1 
ATOM   158 N  N3    . DC  A 1 8  ? -3.528  7.060   -1.141  1.00 17.18 ? 8   DC  A N3    1 
ATOM   159 C  C4    . DC  A 1 8  ? -4.467  6.808   -0.215  1.00 18.68 ? 8   DC  A C4    1 
ATOM   160 N  N4    . DC  A 1 8  ? -5.191  5.685   -0.287  1.00 22.62 ? 8   DC  A N4    1 
ATOM   161 C  C5    . DC  A 1 8  ? -4.758  7.730   0.838   1.00 23.05 ? 8   DC  A C5    1 
ATOM   162 C  C6    . DC  A 1 8  ? -4.072  8.884   0.890   1.00 15.24 ? 8   DC  A C6    1 
ATOM   163 P  P     . DG  A 1 9  ? -4.936  13.739  -1.577  1.00 18.30 ? 9   DG  A P     1 
ATOM   164 O  OP1   . DG  A 1 9  ? -4.959  15.210  -1.758  1.00 21.57 ? 9   DG  A OP1   1 
ATOM   165 O  OP2   . DG  A 1 9  ? -6.149  13.040  -1.077  1.00 26.91 ? 9   DG  A OP2   1 
ATOM   166 O  "O5'" . DG  A 1 9  ? -4.487  13.068  -2.951  1.00 15.77 ? 9   DG  A "O5'" 1 
ATOM   167 C  "C5'" . DG  A 1 9  ? -3.262  13.483  -3.589  1.00 22.05 ? 9   DG  A "C5'" 1 
ATOM   168 C  "C4'" . DG  A 1 9  ? -2.980  12.581  -4.768  1.00 14.58 ? 9   DG  A "C4'" 1 
ATOM   169 O  "O4'" . DG  A 1 9  ? -2.817  11.214  -4.278  1.00 18.61 ? 9   DG  A "O4'" 1 
ATOM   170 C  "C3'" . DG  A 1 9  ? -4.147  12.416  -5.741  1.00 11.09 ? 9   DG  A "C3'" 1 
ATOM   171 O  "O3'" . DG  A 1 9  ? -4.179  13.502  -6.659  1.00 16.37 ? 9   DG  A "O3'" 1 
ATOM   172 C  "C2'" . DG  A 1 9  ? -3.713  11.145  -6.460  1.00 18.61 ? 9   DG  A "C2'" 1 
ATOM   173 C  "C1'" . DG  A 1 9  ? -3.269  10.307  -5.270  1.00 15.84 ? 9   DG  A "C1'" 1 
ATOM   174 N  N9    . DG  A 1 9  ? -4.343  9.458   -4.767  1.00 15.98 ? 9   DG  A N9    1 
ATOM   175 C  C8    . DG  A 1 9  ? -5.093  9.569   -3.625  1.00 9.42  ? 9   DG  A C8    1 
ATOM   176 N  N7    . DG  A 1 9  ? -5.761  8.473   -3.335  1.00 12.68 ? 9   DG  A N7    1 
ATOM   177 C  C5    . DG  A 1 9  ? -5.468  7.614   -4.387  1.00 12.79 ? 9   DG  A C5    1 
ATOM   178 C  C6    . DG  A 1 9  ? -6.009  6.348   -4.719  1.00 14.76 ? 9   DG  A C6    1 
ATOM   179 O  O6    . DG  A 1 9  ? -6.760  5.627   -4.047  1.00 10.44 ? 9   DG  A O6    1 
ATOM   180 N  N1    . DG  A 1 9  ? -5.461  5.863   -5.907  1.00 13.77 ? 9   DG  A N1    1 
ATOM   181 C  C2    . DG  A 1 9  ? -4.593  6.533   -6.733  1.00 16.10 ? 9   DG  A C2    1 
ATOM   182 N  N2    . DG  A 1 9  ? -4.189  5.908   -7.857  1.00 17.56 ? 9   DG  A N2    1 
ATOM   183 N  N3    . DG  A 1 9  ? -4.154  7.760   -6.483  1.00 16.51 ? 9   DG  A N3    1 
ATOM   184 C  C4    . DG  A 1 9  ? -4.633  8.222   -5.301  1.00 17.46 ? 9   DG  A C4    1 
ATOM   185 P  P     . DC  A 1 10 ? -5.509  13.819  -7.468  1.00 18.26 ? 10  DC  A P     1 
ATOM   186 O  OP1   . DC  A 1 10 ? -5.355  15.143  -8.132  1.00 17.55 ? 10  DC  A OP1   1 
ATOM   187 O  OP2   . DC  A 1 10 ? -6.713  13.626  -6.623  1.00 15.08 ? 10  DC  A OP2   1 
ATOM   188 O  "O5'" . DC  A 1 10 ? -5.541  12.701  -8.614  1.00 14.14 ? 10  DC  A "O5'" 1 
ATOM   189 C  "C5'" . DC  A 1 10 ? -4.580  12.576  -9.644  1.00 10.33 ? 10  DC  A "C5'" 1 
ATOM   190 C  "C4'" . DC  A 1 10 ? -4.816  11.334  -10.484 1.00 18.28 ? 10  DC  A "C4'" 1 
ATOM   191 O  "O4'" . DC  A 1 10 ? -4.758  10.163  -9.625  1.00 17.46 ? 10  DC  A "O4'" 1 
ATOM   192 C  "C3'" . DC  A 1 10 ? -6.210  11.238  -11.119 1.00 20.13 ? 10  DC  A "C3'" 1 
ATOM   193 O  "O3'" . DC  A 1 10 ? -6.283  12.007  -12.327 1.00 14.67 ? 10  DC  A "O3'" 1 
ATOM   194 C  "C2'" . DC  A 1 10 ? -6.302  9.744   -11.372 1.00 17.50 ? 10  DC  A "C2'" 1 
ATOM   195 C  "C1'" . DC  A 1 10 ? -5.694  9.201   -10.088 1.00 22.72 ? 10  DC  A "C1'" 1 
ATOM   196 N  N1    . DC  A 1 10 ? -6.645  8.878   -9.016  1.00 17.40 ? 10  DC  A N1    1 
ATOM   197 C  C2    . DC  A 1 10 ? -7.200  7.592   -8.992  1.00 16.75 ? 10  DC  A C2    1 
ATOM   198 O  O2    . DC  A 1 10 ? -7.065  6.854   -9.974  1.00 13.14 ? 10  DC  A O2    1 
ATOM   199 N  N3    . DC  A 1 10 ? -7.843  7.135   -7.895  1.00 13.07 ? 10  DC  A N3    1 
ATOM   200 C  C4    . DC  A 1 10 ? -7.973  7.936   -6.843  1.00 11.59 ? 10  DC  A C4    1 
ATOM   201 N  N4    . DC  A 1 10 ? -8.726  7.514   -5.831  1.00 13.16 ? 10  DC  A N4    1 
ATOM   202 C  C5    . DC  A 1 10 ? -7.499  9.283   -6.858  1.00 16.58 ? 10  DC  A C5    1 
ATOM   203 C  C6    . DC  A 1 10 ? -6.806  9.696   -7.935  1.00 14.11 ? 10  DC  A C6    1 
ATOM   204 O  "O5'" . G   B 1 1  ? -13.187 -3.019  -7.004  1.00 20.84 ? 11  G   B "O5'" 1 
ATOM   205 C  "C5'" . G   B 1 1  ? -11.746 -2.885  -6.961  1.00 15.92 ? 11  G   B "C5'" 1 
ATOM   206 C  "C4'" . G   B 1 1  ? -11.306 -2.249  -8.267  1.00 15.24 ? 11  G   B "C4'" 1 
ATOM   207 O  "O4'" . G   B 1 1  ? -12.009 -0.998  -8.482  1.00 15.82 ? 11  G   B "O4'" 1 
ATOM   208 C  "C3'" . G   B 1 1  ? -9.806  -1.876  -8.238  1.00 16.43 ? 11  G   B "C3'" 1 
ATOM   209 O  "O3'" . G   B 1 1  ? -9.100  -3.042  -8.647  1.00 13.57 ? 11  G   B "O3'" 1 
ATOM   210 C  "C2'" . G   B 1 1  ? -9.819  -0.812  -9.316  1.00 14.76 ? 11  G   B "C2'" 1 
ATOM   211 O  "O2'" . G   B 1 1  ? -10.118 -1.416  -10.578 1.00 18.83 ? 11  G   B "O2'" 1 
ATOM   212 C  "C1'" . G   B 1 1  ? -11.055 -0.010  -8.889  1.00 9.67  ? 11  G   B "C1'" 1 
ATOM   213 N  N9    . G   B 1 1  ? -10.842 0.881   -7.761  1.00 15.20 ? 11  G   B N9    1 
ATOM   214 C  C8    . G   B 1 1  ? -11.518 1.048   -6.578  1.00 13.47 ? 11  G   B C8    1 
ATOM   215 N  N7    . G   B 1 1  ? -11.253 2.182   -5.949  1.00 14.80 ? 11  G   B N7    1 
ATOM   216 C  C5    . G   B 1 1  ? -10.298 2.779   -6.775  1.00 15.15 ? 11  G   B C5    1 
ATOM   217 C  C6    . G   B 1 1  ? -9.790  4.108   -6.750  1.00 13.94 ? 11  G   B C6    1 
ATOM   218 O  O6    . G   B 1 1  ? -9.892  4.942   -5.835  1.00 16.56 ? 11  G   B O6    1 
ATOM   219 N  N1    . G   B 1 1  ? -8.963  4.352   -7.837  1.00 16.28 ? 11  G   B N1    1 
ATOM   220 C  C2    . G   B 1 1  ? -8.756  3.512   -8.907  1.00 21.21 ? 11  G   B C2    1 
ATOM   221 N  N2    . G   B 1 1  ? -7.936  3.962   -9.874  1.00 17.96 ? 11  G   B N2    1 
ATOM   222 N  N3    . G   B 1 1  ? -9.288  2.299   -8.985  1.00 16.65 ? 11  G   B N3    1 
ATOM   223 C  C4    . G   B 1 1  ? -10.086 2.040   -7.921  1.00 14.90 ? 11  G   B C4    1 
ATOM   224 P  P     . DC  B 1 2  ? -7.640  -3.415  -8.055  1.00 16.78 ? 12  DC  B P     1 
ATOM   225 O  OP1   . DC  B 1 2  ? -7.290  -4.769  -8.517  1.00 18.43 ? 12  DC  B OP1   1 
ATOM   226 O  OP2   . DC  B 1 2  ? -7.599  -3.035  -6.619  1.00 22.24 ? 12  DC  B OP2   1 
ATOM   227 O  "O5'" . DC  B 1 2  ? -6.661  -2.398  -8.795  1.00 17.75 ? 12  DC  B "O5'" 1 
ATOM   228 C  "C5'" . DC  B 1 2  ? -6.545  -2.439  -10.229 1.00 16.55 ? 12  DC  B "C5'" 1 
ATOM   229 C  "C4'" . DC  B 1 2  ? -5.841  -1.152  -10.624 1.00 14.57 ? 12  DC  B "C4'" 1 
ATOM   230 O  "O4'" . DC  B 1 2  ? -6.619  -0.048  -10.077 1.00 13.40 ? 12  DC  B "O4'" 1 
ATOM   231 C  "C3'" . DC  B 1 2  ? -4.558  -0.987  -9.778  1.00 13.19 ? 12  DC  B "C3'" 1 
ATOM   232 O  "O3'" . DC  B 1 2  ? -3.521  -1.708  -10.389 1.00 11.93 ? 12  DC  B "O3'" 1 
ATOM   233 C  "C2'" . DC  B 1 2  ? -4.345  0.509   -9.920  1.00 12.70 ? 12  DC  B "C2'" 1 
ATOM   234 C  "C1'" . DC  B 1 2  ? -5.756  1.026   -9.718  1.00 14.12 ? 12  DC  B "C1'" 1 
ATOM   235 N  N1    . DC  B 1 2  ? -6.040  1.366   -8.314  1.00 11.71 ? 12  DC  B N1    1 
ATOM   236 C  C2    . DC  B 1 2  ? -5.735  2.671   -7.893  1.00 17.10 ? 12  DC  B C2    1 
ATOM   237 O  O2    . DC  B 1 2  ? -5.117  3.416   -8.667  1.00 17.35 ? 12  DC  B O2    1 
ATOM   238 N  N3    . DC  B 1 2  ? -6.091  3.101   -6.661  1.00 13.76 ? 12  DC  B N3    1 
ATOM   239 C  C4    . DC  B 1 2  ? -6.788  2.262   -5.892  1.00 17.20 ? 12  DC  B C4    1 
ATOM   240 N  N4    . DC  B 1 2  ? -7.146  2.691   -4.681  1.00 14.64 ? 12  DC  B N4    1 
ATOM   241 C  C5    . DC  B 1 2  ? -7.076  0.926   -6.278  1.00 6.29  ? 12  DC  B C5    1 
ATOM   242 C  C6    . DC  B 1 2  ? -6.693  0.504   -7.487  1.00 11.62 ? 12  DC  B C6    1 
ATOM   243 P  P     . DG  B 1 3  ? -2.157  -2.105  -9.645  1.00 14.58 ? 13  DG  B P     1 
ATOM   244 O  OP1   . DG  B 1 3  ? -1.426  -2.954  -10.636 1.00 16.25 ? 13  DG  B OP1   1 
ATOM   245 O  OP2   . DG  B 1 3  ? -2.434  -2.531  -8.270  1.00 13.08 ? 13  DG  B OP2   1 
ATOM   246 O  "O5'" . DG  B 1 3  ? -1.354  -0.717  -9.647  1.00 14.84 ? 13  DG  B "O5'" 1 
ATOM   247 C  "C5'" . DG  B 1 3  ? -0.604  -0.225  -8.533  1.00 15.13 ? 13  DG  B "C5'" 1 
ATOM   248 C  "C4'" . DG  B 1 3  ? -0.440  1.278   -8.619  1.00 13.10 ? 13  DG  B "C4'" 1 
ATOM   249 O  "O4'" . DG  B 1 3  ? -1.721  1.951   -8.447  1.00 13.82 ? 13  DG  B "O4'" 1 
ATOM   250 C  "C3'" . DG  B 1 3  ? 0.444   1.848   -7.495  1.00 14.96 ? 13  DG  B "C3'" 1 
ATOM   251 O  "O3'" . DG  B 1 3  ? 1.801   1.828   -7.949  1.00 14.24 ? 13  DG  B "O3'" 1 
ATOM   252 C  "C2'" . DG  B 1 3  ? -0.028  3.303   -7.472  1.00 16.45 ? 13  DG  B "C2'" 1 
ATOM   253 C  "C1'" . DG  B 1 3  ? -1.533  3.118   -7.633  1.00 7.15  ? 13  DG  B "C1'" 1 
ATOM   254 N  N9    . DG  B 1 3  ? -2.254  2.926   -6.370  1.00 13.96 ? 13  DG  B N9    1 
ATOM   255 C  C8    . DG  B 1 3  ? -2.935  1.840   -5.902  1.00 18.19 ? 13  DG  B C8    1 
ATOM   256 N  N7    . DG  B 1 3  ? -3.545  2.037   -4.759  1.00 10.63 ? 13  DG  B N7    1 
ATOM   257 C  C5    . DG  B 1 3  ? -3.250  3.363   -4.447  1.00 12.04 ? 13  DG  B C5    1 
ATOM   258 C  C6    . DG  B 1 3  ? -3.602  4.142   -3.311  1.00 12.63 ? 13  DG  B C6    1 
ATOM   259 O  O6    . DG  B 1 3  ? -4.305  3.841   -2.339  1.00 15.45 ? 13  DG  B O6    1 
ATOM   260 N  N1    . DG  B 1 3  ? -3.030  5.409   -3.346  1.00 11.56 ? 13  DG  B N1    1 
ATOM   261 C  C2    . DG  B 1 3  ? -2.218  5.845   -4.361  1.00 16.71 ? 13  DG  B C2    1 
ATOM   262 N  N2    . DG  B 1 3  ? -1.747  7.097   -4.250  1.00 12.27 ? 13  DG  B N2    1 
ATOM   263 N  N3    . DG  B 1 3  ? -1.868  5.122   -5.420  1.00 16.64 ? 13  DG  B N3    1 
ATOM   264 C  C4    . DG  B 1 3  ? -2.513  3.937   -5.453  1.00 12.30 ? 13  DG  B C4    1 
ATOM   265 P  P     . DT  B 1 4  ? 3.048   1.786   -6.953  1.00 14.98 ? 14  DT  B P     1 
ATOM   266 O  OP1   . DT  B 1 4  ? 4.250   1.717   -7.813  1.00 15.61 ? 14  DT  B OP1   1 
ATOM   267 O  OP2   . DT  B 1 4  ? 2.822   0.756   -5.905  1.00 14.40 ? 14  DT  B OP2   1 
ATOM   268 O  "O5'" . DT  B 1 4  ? 3.006   3.232   -6.286  1.00 18.54 ? 14  DT  B "O5'" 1 
ATOM   269 C  "C5'" . DT  B 1 4  ? 3.532   4.333   -7.075  1.00 14.06 ? 14  DT  B "C5'" 1 
ATOM   270 C  "C4'" . DT  B 1 4  ? 3.571   5.586   -6.212  1.00 12.71 ? 14  DT  B "C4'" 1 
ATOM   271 O  "O4'" . DT  B 1 4  ? 2.202   5.932   -5.821  1.00 16.11 ? 14  DT  B "O4'" 1 
ATOM   272 C  "C3'" . DT  B 1 4  ? 4.229   5.330   -4.850  1.00 12.89 ? 14  DT  B "C3'" 1 
ATOM   273 O  "O3'" . DT  B 1 4  ? 5.658   5.353   -4.980  1.00 13.04 ? 14  DT  B "O3'" 1 
ATOM   274 C  "C2'" . DT  B 1 4  ? 3.687   6.530   -4.095  1.00 15.43 ? 14  DT  B "C2'" 1 
ATOM   275 C  "C1'" . DT  B 1 4  ? 2.217   6.494   -4.507  1.00 15.35 ? 14  DT  B "C1'" 1 
ATOM   276 N  N1    . DT  B 1 4  ? 1.419   5.607   -3.627  1.00 13.91 ? 14  DT  B N1    1 
ATOM   277 C  C2    . DT  B 1 4  ? 0.907   6.151   -2.486  1.00 12.86 ? 14  DT  B C2    1 
ATOM   278 O  O2    . DT  B 1 4  ? 1.120   7.277   -2.104  1.00 13.03 ? 14  DT  B O2    1 
ATOM   279 N  N3    . DT  B 1 4  ? 0.121   5.322   -1.728  1.00 15.72 ? 14  DT  B N3    1 
ATOM   280 C  C4    . DT  B 1 4  ? -0.207  4.021   -2.078  1.00 15.49 ? 14  DT  B C4    1 
ATOM   281 O  O4    . DT  B 1 4  ? -0.955  3.397   -1.321  1.00 11.21 ? 14  DT  B O4    1 
ATOM   282 C  C5    . DT  B 1 4  ? 0.271   3.547   -3.355  1.00 13.21 ? 14  DT  B C5    1 
ATOM   283 C  C7    . DT  B 1 4  ? 0.051   2.095   -3.666  1.00 12.98 ? 14  DT  B C7    1 
ATOM   284 C  C6    . DT  B 1 4  ? 1.135   4.319   -4.042  1.00 15.21 ? 14  DT  B C6    1 
ATOM   285 P  P     . DA  B 1 5  ? 6.603   4.600   -3.953  1.00 15.42 ? 15  DA  B P     1 
ATOM   286 O  OP1   . DA  B 1 5  ? 8.008   4.873   -4.395  1.00 17.49 ? 15  DA  B OP1   1 
ATOM   287 O  OP2   . DA  B 1 5  ? 6.102   3.227   -3.733  1.00 17.61 ? 15  DA  B OP2   1 
ATOM   288 O  "O5'" . DA  B 1 5  ? 6.465   5.418   -2.597  1.00 15.43 ? 15  DA  B "O5'" 1 
ATOM   289 C  "C5'" . DA  B 1 5  ? 7.081   6.724   -2.448  1.00 10.70 ? 15  DA  B "C5'" 1 
ATOM   290 C  "C4'" . DA  B 1 5  ? 6.785   7.201   -1.039  1.00 13.05 ? 15  DA  B "C4'" 1 
ATOM   291 O  "O4'" . DA  B 1 5  ? 5.364   7.417   -0.835  1.00 15.15 ? 15  DA  B "O4'" 1 
ATOM   292 C  "C3'" . DA  B 1 5  ? 7.098   6.103   -0.002  1.00 17.19 ? 15  DA  B "C3'" 1 
ATOM   293 O  "O3'" . DA  B 1 5  ? 8.484   6.246   0.364   1.00 13.79 ? 15  DA  B "O3'" 1 
ATOM   294 C  "C2'" . DA  B 1 5  ? 6.259   6.568   1.180   1.00 20.24 ? 15  DA  B "C2'" 1 
ATOM   295 C  "C1'" . DA  B 1 5  ? 4.996   7.050   0.493   1.00 19.59 ? 15  DA  B "C1'" 1 
ATOM   296 N  N9    . DA  B 1 5  ? 3.948   6.036   0.427   1.00 13.22 ? 15  DA  B N9    1 
ATOM   297 C  C8    . DA  B 1 5  ? 3.720   5.133   -0.593  1.00 14.51 ? 15  DA  B C8    1 
ATOM   298 N  N7    . DA  B 1 5  ? 2.747   4.288   -0.367  1.00 13.89 ? 15  DA  B N7    1 
ATOM   299 C  C5    . DA  B 1 5  ? 2.358   4.585   0.936   1.00 13.39 ? 15  DA  B C5    1 
ATOM   300 C  C6    . DA  B 1 5  ? 1.320   4.085   1.739   1.00 18.68 ? 15  DA  B C6    1 
ATOM   301 N  N6    . DA  B 1 5  ? 0.513   3.082   1.378   1.00 14.97 ? 15  DA  B N6    1 
ATOM   302 N  N1    . DA  B 1 5  ? 1.193   4.602   2.981   1.00 10.54 ? 15  DA  B N1    1 
ATOM   303 C  C2    . DA  B 1 5  ? 1.994   5.609   3.334   1.00 16.36 ? 15  DA  B C2    1 
ATOM   304 N  N3    . DA  B 1 5  ? 2.962   6.203   2.646   1.00 12.56 ? 15  DA  B N3    1 
ATOM   305 C  C4    . DA  B 1 5  ? 3.100   5.637   1.437   1.00 18.27 ? 15  DA  B C4    1 
ATOM   306 P  P     . DT  B 1 6  ? 9.244   4.984   0.976   1.00 17.42 ? 16  DT  B P     1 
ATOM   307 O  OP1   . DT  B 1 6  ? 10.703  5.306   1.076   1.00 20.31 ? 16  DT  B OP1   1 
ATOM   308 O  OP2   . DT  B 1 6  ? 8.812   3.732   0.311   1.00 15.24 ? 16  DT  B OP2   1 
ATOM   309 O  "O5'" . DT  B 1 6  ? 8.692   4.875   2.456   1.00 21.27 ? 16  DT  B "O5'" 1 
ATOM   310 C  "C5'" . DT  B 1 6  ? 9.021   5.791   3.512   1.00 21.25 ? 16  DT  B "C5'" 1 
ATOM   311 C  "C4'" . DT  B 1 6  ? 8.223   5.384   4.734   1.00 26.74 ? 16  DT  B "C4'" 1 
ATOM   312 O  "O4'" . DT  B 1 6  ? 6.797   5.472   4.480   1.00 22.95 ? 16  DT  B "O4'" 1 
ATOM   313 C  "C3'" . DT  B 1 6  ? 8.407   3.910   5.127   1.00 15.29 ? 16  DT  B "C3'" 1 
ATOM   314 O  "O3'" . DT  B 1 6  ? 9.617   3.826   5.890   1.00 14.62 ? 16  DT  B "O3'" 1 
ATOM   315 C  "C2'" . DT  B 1 6  ? 7.187   3.720   6.016   1.00 17.61 ? 16  DT  B "C2'" 1 
ATOM   316 C  "C1'" . DT  B 1 6  ? 6.125   4.470   5.228   1.00 19.97 ? 16  DT  B "C1'" 1 
ATOM   317 N  N1    . DT  B 1 6  ? 5.327   3.633   4.317   1.00 18.94 ? 16  DT  B N1    1 
ATOM   318 C  C2    . DT  B 1 6  ? 4.196   3.047   4.829   1.00 14.62 ? 16  DT  B C2    1 
ATOM   319 O  O2    . DT  B 1 6  ? 3.807   3.221   5.974   1.00 25.61 ? 16  DT  B O2    1 
ATOM   320 N  N3    . DT  B 1 6  ? 3.551   2.188   3.973   1.00 14.59 ? 16  DT  B N3    1 
ATOM   321 C  C4    . DT  B 1 6  ? 3.899   1.899   2.665   1.00 17.75 ? 16  DT  B C4    1 
ATOM   322 O  O4    . DT  B 1 6  ? 3.152   1.203   1.965   1.00 16.49 ? 16  DT  B O4    1 
ATOM   323 C  C5    . DT  B 1 6  ? 5.029   2.647   2.162   1.00 16.91 ? 16  DT  B C5    1 
ATOM   324 C  C7    . DT  B 1 6  ? 5.456   2.435   0.746   1.00 14.30 ? 16  DT  B C7    1 
ATOM   325 C  C6    . DT  B 1 6  ? 5.760   3.337   3.044   1.00 17.00 ? 16  DT  B C6    1 
ATOM   326 P  P     . DA  B 1 7  ? 10.369  2.420   6.016   1.00 22.91 ? 17  DA  B P     1 
ATOM   327 O  OP1   . DA  B 1 7  ? 11.737  2.711   6.502   1.00 26.45 ? 17  DA  B OP1   1 
ATOM   328 O  OP2   . DA  B 1 7  ? 10.142  1.611   4.781   1.00 18.88 ? 17  DA  B OP2   1 
ATOM   329 O  "O5'" . DA  B 1 7  ? 9.596   1.627   7.165   1.00 15.20 ? 17  DA  B "O5'" 1 
ATOM   330 C  "C5'" . DA  B 1 7  ? 9.630   2.107   8.520   1.00 20.26 ? 17  DA  B "C5'" 1 
ATOM   331 C  "C4'" . DA  B 1 7  ? 8.793   1.208   9.405   1.00 15.01 ? 17  DA  B "C4'" 1 
ATOM   332 O  "O4'" . DA  B 1 7  ? 7.401   1.456   9.094   1.00 13.96 ? 17  DA  B "O4'" 1 
ATOM   333 C  "C3'" . DA  B 1 7  ? 8.935   -0.287  9.122   1.00 13.57 ? 17  DA  B "C3'" 1 
ATOM   334 O  "O3'" . DA  B 1 7  ? 10.014  -0.891  9.837   1.00 16.08 ? 17  DA  B "O3'" 1 
ATOM   335 C  "C2'" . DA  B 1 7  ? 7.636   -0.814  9.725   1.00 16.55 ? 17  DA  B "C2'" 1 
ATOM   336 C  "C1'" . DA  B 1 7  ? 6.655   0.256   9.261   1.00 11.00 ? 17  DA  B "C1'" 1 
ATOM   337 N  N9    . DA  B 1 7  ? 6.057   -0.019  7.947   1.00 14.72 ? 17  DA  B N9    1 
ATOM   338 C  C8    . DA  B 1 7  ? 6.522   0.384   6.719   1.00 10.11 ? 17  DA  B C8    1 
ATOM   339 N  N7    . DA  B 1 7  ? 5.839   -0.143  5.734   1.00 11.85 ? 17  DA  B N7    1 
ATOM   340 C  C5    . DA  B 1 7  ? 4.707   -0.681  6.344   1.00 15.17 ? 17  DA  B C5    1 
ATOM   341 C  C6    . DA  B 1 7  ? 3.562   -1.313  5.851   1.00 22.78 ? 17  DA  B C6    1 
ATOM   342 N  N6    . DA  B 1 7  ? 3.312   -1.480  4.549   1.00 16.41 ? 17  DA  B N6    1 
ATOM   343 N  N1    . DA  B 1 7  ? 2.701   -1.852  6.753   1.00 19.31 ? 17  DA  B N1    1 
ATOM   344 C  C2    . DA  B 1 7  ? 2.961   -1.705  8.062   1.00 7.39  ? 17  DA  B C2    1 
ATOM   345 N  N3    . DA  B 1 7  ? 4.005   -1.110  8.638   1.00 15.83 ? 17  DA  B N3    1 
ATOM   346 C  C4    . DA  B 1 7  ? 4.851   -0.636  7.724   1.00 9.26  ? 17  DA  B C4    1 
ATOM   347 P  P     . DC  B 1 8  ? 10.659  -2.241  9.252   1.00 21.35 ? 18  DC  B P     1 
ATOM   348 O  OP1   . DC  B 1 8  ? 11.844  -2.565  10.094  1.00 25.77 ? 18  DC  B OP1   1 
ATOM   349 O  OP2   . DC  B 1 8  ? 10.891  -2.117  7.784   1.00 26.90 ? 18  DC  B OP2   1 
ATOM   350 O  "O5'" . DC  B 1 8  ? 9.569   -3.376  9.484   1.00 15.69 ? 18  DC  B "O5'" 1 
ATOM   351 C  "C5'" . DC  B 1 8  ? 9.282   -3.930  10.775  1.00 20.20 ? 18  DC  B "C5'" 1 
ATOM   352 C  "C4'" . DC  B 1 8  ? 7.982   -4.717  10.658  1.00 16.03 ? 18  DC  B "C4'" 1 
ATOM   353 O  "O4'" . DC  B 1 8  ? 7.019   -3.959  9.874   1.00 15.84 ? 18  DC  B "O4'" 1 
ATOM   354 C  "C3'" . DC  B 1 8  ? 8.225   -5.925  9.720   1.00 14.98 ? 18  DC  B "C3'" 1 
ATOM   355 O  "O3'" . DC  B 1 8  ? 8.741   -6.939  10.604  1.00 15.65 ? 18  DC  B "O3'" 1 
ATOM   356 C  "C2'" . DC  B 1 8  ? 6.779   -6.267  9.381   1.00 16.75 ? 18  DC  B "C2'" 1 
ATOM   357 C  "C1'" . DC  B 1 8  ? 6.202   -4.874  9.137   1.00 10.87 ? 18  DC  B "C1'" 1 
ATOM   358 N  N1    . DC  B 1 8  ? 6.235   -4.489  7.719   1.00 15.96 ? 18  DC  B N1    1 
ATOM   359 C  C2    . DC  B 1 8  ? 5.130   -4.802  6.914   1.00 11.92 ? 18  DC  B C2    1 
ATOM   360 O  O2    . DC  B 1 8  ? 4.198   -5.432  7.425   1.00 15.54 ? 18  DC  B O2    1 
ATOM   361 N  N3    . DC  B 1 8  ? 5.100   -4.392  5.628   1.00 12.28 ? 18  DC  B N3    1 
ATOM   362 C  C4    . DC  B 1 8  ? 6.164   -3.778  5.112   1.00 14.44 ? 18  DC  B C4    1 
ATOM   363 N  N4    . DC  B 1 8  ? 6.047   -3.347  3.849   1.00 14.02 ? 18  DC  B N4    1 
ATOM   364 C  C5    . DC  B 1 8  ? 7.297   -3.430  5.896   1.00 16.53 ? 18  DC  B C5    1 
ATOM   365 C  C6    . DC  B 1 8  ? 7.301   -3.816  7.181   1.00 19.76 ? 18  DC  B C6    1 
ATOM   366 P  P     . DG  B 1 9  ? 9.077   -8.369  9.985   1.00 18.54 ? 19  DG  B P     1 
ATOM   367 O  OP1   . DG  B 1 9  ? 9.771   -9.096  11.072  1.00 17.18 ? 19  DG  B OP1   1 
ATOM   368 O  OP2   . DG  B 1 9  ? 9.644   -8.201  8.636   1.00 20.93 ? 19  DG  B OP2   1 
ATOM   369 O  "O5'" . DG  B 1 9  ? 7.617   -9.011  9.879   1.00 16.77 ? 19  DG  B "O5'" 1 
ATOM   370 C  "C5'" . DG  B 1 9  ? 7.304   -10.027 8.918   1.00 19.70 ? 19  DG  B "C5'" 1 
ATOM   371 C  "C4'" . DG  B 1 9  ? 5.802   -10.179 8.833   1.00 19.31 ? 19  DG  B "C4'" 1 
ATOM   372 O  "O4'" . DG  B 1 9  ? 5.173   -8.986  8.339   1.00 21.89 ? 19  DG  B "O4'" 1 
ATOM   373 C  "C3'" . DG  B 1 9  ? 5.377   -11.287 7.859   1.00 21.47 ? 19  DG  B "C3'" 1 
ATOM   374 O  "O3'" . DG  B 1 9  ? 5.114   -12.459 8.629   1.00 18.44 ? 19  DG  B "O3'" 1 
ATOM   375 C  "C2'" . DG  B 1 9  ? 4.101   -10.731 7.261   1.00 17.18 ? 19  DG  B "C2'" 1 
ATOM   376 C  "C1'" . DG  B 1 9  ? 4.371   -9.239  7.213   1.00 16.03 ? 19  DG  B "C1'" 1 
ATOM   377 N  N9    . DG  B 1 9  ? 5.058   -8.738  6.012   1.00 15.34 ? 19  DG  B N9    1 
ATOM   378 C  C8    . DG  B 1 9  ? 6.142   -7.897  5.953   1.00 17.12 ? 19  DG  B C8    1 
ATOM   379 N  N7    . DG  B 1 9  ? 6.300   -7.339  4.776   1.00 14.84 ? 19  DG  B N7    1 
ATOM   380 C  C5    . DG  B 1 9  ? 5.377   -7.971  3.955   1.00 12.42 ? 19  DG  B C5    1 
ATOM   381 C  C6    . DG  B 1 9  ? 5.017   -7.735  2.605   1.00 8.26  ? 19  DG  B C6    1 
ATOM   382 O  O6    . DG  B 1 9  ? 5.417   -6.956  1.730   1.00 15.62 ? 19  DG  B O6    1 
ATOM   383 N  N1    . DG  B 1 9  ? 3.934   -8.514  2.204   1.00 11.30 ? 19  DG  B N1    1 
ATOM   384 C  C2    . DG  B 1 9  ? 3.245   -9.363  3.035   1.00 13.05 ? 19  DG  B C2    1 
ATOM   385 N  N2    . DG  B 1 9  ? 2.232   -10.036 2.460   1.00 19.36 ? 19  DG  B N2    1 
ATOM   386 N  N3    . DG  B 1 9  ? 3.493   -9.497  4.320   1.00 11.03 ? 19  DG  B N3    1 
ATOM   387 C  C4    . DG  B 1 9  ? 4.552   -8.775  4.736   1.00 13.05 ? 19  DG  B C4    1 
ATOM   388 P  P     . DC  B 1 10 ? 5.666   -13.897 8.174   1.00 14.98 ? 20  DC  B P     1 
ATOM   389 O  OP1   . DC  B 1 10 ? 5.180   -14.905 9.194   1.00 13.28 ? 20  DC  B OP1   1 
ATOM   390 O  OP2   . DC  B 1 10 ? 7.119   -13.856 7.875   1.00 17.00 ? 20  DC  B OP2   1 
ATOM   391 O  "O5'" . DC  B 1 10 ? 4.854   -14.124 6.818   1.00 16.05 ? 20  DC  B "O5'" 1 
ATOM   392 C  "C5'" . DC  B 1 10 ? 3.512   -14.574 6.696   1.00 14.12 ? 20  DC  B "C5'" 1 
ATOM   393 C  "C4'" . DC  B 1 10 ? 2.987   -14.676 5.279   1.00 10.96 ? 20  DC  B "C4'" 1 
ATOM   394 O  "O4'" . DC  B 1 10 ? 3.152   -13.376 4.645   1.00 12.20 ? 20  DC  B "O4'" 1 
ATOM   395 C  "C3'" . DC  B 1 10 ? 3.830   -15.577 4.360   1.00 17.98 ? 20  DC  B "C3'" 1 
ATOM   396 O  "O3'" . DC  B 1 10 ? 3.511   -16.943 4.519   1.00 18.50 ? 20  DC  B "O3'" 1 
ATOM   397 C  "C2'" . DC  B 1 10 ? 3.582   -15.027 2.982   1.00 18.91 ? 20  DC  B "C2'" 1 
ATOM   398 C  "C1'" . DC  B 1 10 ? 3.330   -13.544 3.236   1.00 12.66 ? 20  DC  B "C1'" 1 
ATOM   399 N  N1    . DC  B 1 10 ? 4.458   -12.674 2.851   1.00 17.94 ? 20  DC  B N1    1 
ATOM   400 C  C2    . DC  B 1 10 ? 4.508   -12.212 1.532   1.00 18.71 ? 20  DC  B C2    1 
ATOM   401 O  O2    . DC  B 1 10 ? 3.708   -12.698 0.721   1.00 15.60 ? 20  DC  B O2    1 
ATOM   402 N  N3    . DC  B 1 10 ? 5.373   -11.226 1.188   1.00 16.53 ? 20  DC  B N3    1 
ATOM   403 C  C4    . DC  B 1 10 ? 6.246   -10.759 2.089   1.00 12.62 ? 20  DC  B C4    1 
ATOM   404 N  N4    . DC  B 1 10 ? 7.141   -9.843  1.710   1.00 12.75 ? 20  DC  B N4    1 
ATOM   405 C  C5    . DC  B 1 10 ? 6.267   -11.265 3.421   1.00 12.61 ? 20  DC  B C5    1 
ATOM   406 C  C6    . DC  B 1 10 ? 5.298   -12.122 3.782   1.00 13.12 ? 20  DC  B C6    1 
HETATM 407 MG MG    . MG  C 2 .  ? 3.199   -2.365  -1.705  1.00 20.22 ? 24  MG  A MG    1 
HETATM 408 O  O     . HOH D 3 .  ? 0.190   9.406   -6.111  1.00 18.24 ? 104 HOH A O     1 
HETATM 409 O  O     . HOH D 3 .  ? -1.679  -3.402  -0.630  1.00 17.16 ? 105 HOH A O     1 
HETATM 410 O  O     . HOH D 3 .  ? 0.056   9.646   -2.953  1.00 20.12 ? 106 HOH A O     1 
HETATM 411 O  O     . HOH D 3 .  ? 0.534   -2.240  1.003   1.00 14.52 ? 107 HOH A O     1 
HETATM 412 O  O     . HOH D 3 .  ? 0.300   -4.563  -3.992  1.00 20.95 ? 108 HOH A O     1 
HETATM 413 O  O     . HOH D 3 .  ? -1.446  -5.550  -2.306  1.00 20.63 ? 109 HOH A O     1 
HETATM 414 O  O     . HOH D 3 .  ? -2.583  8.256   -8.889  1.00 16.04 ? 111 HOH A O     1 
HETATM 415 O  O     . HOH D 3 .  ? -8.326  12.167  -4.730  1.00 19.06 ? 112 HOH A O     1 
HETATM 416 O  O     . HOH D 3 .  ? 8.312   -5.895  -3.649  1.00 27.06 ? 113 HOH A O     1 
HETATM 417 O  O     . HOH D 3 .  ? -6.246  14.712  -12.307 1.00 24.21 ? 114 HOH A O     1 
HETATM 418 O  O     . HOH D 3 .  ? -7.779  8.713   -1.625  1.00 16.18 ? 117 HOH A O     1 
HETATM 419 O  O     . HOH D 3 .  ? -5.641  4.831   3.559   1.00 17.55 ? 121 HOH A O     1 
HETATM 420 O  O     . HOH D 3 .  ? 8.247   -6.833  -0.722  1.00 22.95 ? 122 HOH A O     1 
HETATM 421 O  O     . HOH D 3 .  ? -7.233  14.690  -14.743 1.00 16.54 ? 123 HOH A O     1 
HETATM 422 O  O     . HOH D 3 .  ? -5.787  -10.479 1.078   1.00 35.82 ? 124 HOH A O     1 
HETATM 423 O  O     . HOH D 3 .  ? 3.966   -4.824  -5.271  1.00 17.42 ? 126 HOH A O     1 
HETATM 424 O  O     . HOH D 3 .  ? -3.488  -1.339  2.706   1.00 23.65 ? 128 HOH A O     1 
HETATM 425 O  O     . HOH D 3 .  ? -1.522  -11.662 0.306   1.00 32.66 ? 129 HOH A O     1 
HETATM 426 O  O     . HOH D 3 .  ? -3.402  1.282   1.476   1.00 15.57 ? 131 HOH A O     1 
HETATM 427 O  O     . HOH D 3 .  ? -4.274  -3.221  1.059   1.00 23.19 ? 134 HOH A O     1 
HETATM 428 O  O     . HOH D 3 .  ? -5.185  -3.718  4.937   1.00 22.18 ? 135 HOH A O     1 
HETATM 429 O  O     . HOH D 3 .  ? -9.160  9.747   -4.037  1.00 27.08 ? 138 HOH A O     1 
HETATM 430 O  O     . HOH D 3 .  ? 1.797   -3.049  -7.546  1.00 24.73 ? 140 HOH A O     1 
HETATM 431 O  O     . HOH D 3 .  ? -0.927  -1.349  -1.811  1.00 19.72 ? 142 HOH A O     1 
HETATM 432 O  O     . HOH D 3 .  ? 1.718   -9.910  -10.357 1.00 34.07 ? 144 HOH A O     1 
HETATM 433 O  O     . HOH D 3 .  ? -0.405  5.936   11.201  1.00 20.91 ? 145 HOH A O     1 
HETATM 434 O  O     . HOH D 3 .  ? -0.882  9.981   -11.019 1.00 30.20 ? 146 HOH A O     1 
HETATM 435 O  O     . HOH D 3 .  ? 0.454   1.771   9.800   1.00 22.57 ? 147 HOH A O     1 
HETATM 436 O  O     . HOH D 3 .  ? -8.585  -6.820  6.132   1.00 28.73 ? 151 HOH A O     1 
HETATM 437 O  O     . HOH D 3 .  ? 6.678   -3.570  -3.625  1.00 26.57 ? 152 HOH A O     1 
HETATM 438 O  O     . HOH D 3 .  ? -10.351 -8.376  5.404   1.00 25.59 ? 153 HOH A O     1 
HETATM 439 O  O     . HOH D 3 .  ? -7.689  4.584   5.717   1.00 35.52 ? 158 HOH A O     1 
HETATM 440 O  O     . HOH D 3 .  ? 7.945   -5.801  -7.566  1.00 32.80 ? 160 HOH A O     1 
HETATM 441 O  O     . HOH D 3 .  ? -8.532  13.428  -2.405  1.00 36.23 ? 161 HOH A O     1 
HETATM 442 O  O     . HOH D 3 .  ? -4.190  12.078  -13.782 1.00 34.08 ? 163 HOH A O     1 
HETATM 443 O  O     . HOH D 3 .  ? 0.752   7.907   8.338   1.00 40.97 ? 164 HOH A O     1 
HETATM 444 O  O     . HOH D 3 .  ? 9.591   -4.415  -5.701  1.00 41.97 ? 165 HOH A O     1 
HETATM 445 O  O     . HOH D 3 .  ? -7.163  16.663  -9.234  1.00 48.81 ? 173 HOH A O     1 
HETATM 446 O  O     . HOH D 3 .  ? -10.818 -6.790  8.425   1.00 42.71 ? 175 HOH A O     1 
HETATM 447 O  O     . HOH D 3 .  ? -3.517  16.066  -11.521 1.00 37.94 ? 176 HOH A O     1 
HETATM 448 O  O     . HOH D 3 .  ? -4.227  -5.562  -5.500  1.00 35.71 ? 177 HOH A O     1 
HETATM 449 O  O     . HOH D 3 .  ? -2.082  13.560  -12.424 1.00 36.17 ? 178 HOH A O     1 
HETATM 450 O  O     . HOH D 3 .  ? 4.738   -3.735  -1.624  1.00 23.85 ? 179 HOH A O     1 
HETATM 451 O  O     . HOH D 3 .  ? 1.656   -1.015  -1.783  1.00 21.69 ? 180 HOH A O     1 
HETATM 452 O  O     . HOH D 3 .  ? 3.088   -2.365  0.358   1.00 22.24 ? 181 HOH A O     1 
HETATM 453 O  O     . HOH D 3 .  ? 1.852   -3.940  -1.707  1.00 18.14 ? 182 HOH A O     1 
HETATM 454 O  O     . HOH D 3 .  ? 4.530   -0.804  -1.653  1.00 20.24 ? 184 HOH A O     1 
HETATM 455 O  O     . HOH E 3 .  ? -0.786  6.649   -7.766  1.00 18.20 ? 101 HOH B O     1 
HETATM 456 O  O     . HOH E 3 .  ? 4.934   -18.649 3.216   1.00 14.35 ? 102 HOH B O     1 
HETATM 457 O  O     . HOH E 3 .  ? -3.285  -1.537  -6.003  1.00 18.59 ? 103 HOH B O     1 
HETATM 458 O  O     . HOH E 3 .  ? -2.283  0.955   -0.919  1.00 19.30 ? 110 HOH B O     1 
HETATM 459 O  O     . HOH E 3 .  ? 3.650   1.604   -3.314  1.00 13.28 ? 115 HOH B O     1 
HETATM 460 O  O     . HOH E 3 .  ? 1.563   -1.374  -5.354  1.00 24.46 ? 116 HOH B O     1 
HETATM 461 O  O     . HOH E 3 .  ? 9.997   -1.170  5.471   1.00 22.13 ? 118 HOH B O     1 
HETATM 462 O  O     . HOH E 3 .  ? 9.088   -8.654  3.562   1.00 20.10 ? 119 HOH B O     1 
HETATM 463 O  O     . HOH E 3 .  ? 8.949   -5.585  4.299   1.00 23.12 ? 120 HOH B O     1 
HETATM 464 O  O     . HOH E 3 .  ? 7.571   -5.457  1.428   1.00 20.73 ? 125 HOH B O     1 
HETATM 465 O  O     . HOH E 3 .  ? 7.511   -14.420 4.316   1.00 26.22 ? 127 HOH B O     1 
HETATM 466 O  O     . HOH E 3 .  ? -10.285 -4.015  -11.769 1.00 23.95 ? 130 HOH B O     1 
HETATM 467 O  O     . HOH E 3 .  ? -5.509  -2.638  -5.016  1.00 22.38 ? 132 HOH B O     1 
HETATM 468 O  O     . HOH E 3 .  ? 2.012   1.534   -0.714  1.00 26.87 ? 133 HOH B O     1 
HETATM 469 O  O     . HOH E 3 .  ? -1.082  -1.618  -4.448  1.00 25.72 ? 136 HOH B O     1 
HETATM 470 O  O     . HOH E 3 .  ? -2.771  -5.174  -7.609  1.00 21.33 ? 137 HOH B O     1 
HETATM 471 O  O     . HOH E 3 .  ? -14.647 -3.813  -9.172  1.00 22.53 ? 139 HOH B O     1 
HETATM 472 O  O     . HOH E 3 .  ? 4.806   -0.828  1.506   1.00 25.40 ? 141 HOH B O     1 
HETATM 473 O  O     . HOH E 3 .  ? -5.004  0.450   -3.124  1.00 26.27 ? 143 HOH B O     1 
HETATM 474 O  O     . HOH E 3 .  ? 8.742   -2.600  2.745   1.00 28.16 ? 148 HOH B O     1 
HETATM 475 O  O     . HOH E 3 .  ? 9.537   -3.644  13.764  1.00 24.94 ? 149 HOH B O     1 
HETATM 476 O  O     . HOH E 3 .  ? 8.372   -9.750  13.674  1.00 23.85 ? 150 HOH B O     1 
HETATM 477 O  O     . HOH E 3 .  ? -8.053  -5.776  -10.780 1.00 34.02 ? 154 HOH B O     1 
HETATM 478 O  O     . HOH E 3 .  ? -6.193  2.075   -1.383  1.00 33.18 ? 155 HOH B O     1 
HETATM 479 O  O     . HOH E 3 .  ? 7.385   0.349   3.354   1.00 34.61 ? 156 HOH B O     1 
HETATM 480 O  O     . HOH E 3 .  ? -2.515  -5.198  -11.771 1.00 27.17 ? 157 HOH B O     1 
HETATM 481 O  O     . HOH E 3 .  ? 8.294   -12.608 6.074   1.00 25.47 ? 159 HOH B O     1 
HETATM 482 O  O     . HOH E 3 .  ? 6.688   -12.269 12.662  1.00 57.13 ? 162 HOH B O     1 
HETATM 483 O  O     . HOH E 3 .  ? 9.171   1.397   2.009   1.00 31.84 ? 166 HOH B O     1 
HETATM 484 O  O     . HOH E 3 .  ? 12.001  6.101   -1.482  1.00 28.01 ? 167 HOH B O     1 
HETATM 485 O  O     . HOH E 3 .  ? 1.150   -3.327  -11.262 1.00 22.09 ? 168 HOH B O     1 
HETATM 486 O  O     . HOH E 3 .  ? 3.323   1.006   -11.083 1.00 42.67 ? 169 HOH B O     1 
HETATM 487 O  O     . HOH E 3 .  ? -17.145 -3.491  -9.069  1.00 36.42 ? 170 HOH B O     1 
HETATM 488 O  O     . HOH E 3 .  ? 2.584   -1.359  -11.303 1.00 44.63 ? 171 HOH B O     1 
HETATM 489 O  O     . HOH E 3 .  ? 12.066  7.469   1.892   1.00 33.43 ? 172 HOH B O     1 
HETATM 490 O  O     . HOH E 3 .  ? 7.721   4.815   -7.468  1.00 35.43 ? 174 HOH B O     1 
HETATM 491 O  O     . HOH E 3 .  ? 3.262   -2.432  -3.768  1.00 25.34 ? 183 HOH B O     1 
# 
